data_8OXZ
#
_entry.id   8OXZ
#
_cell.length_a   1.00
_cell.length_b   1.00
_cell.length_c   1.00
_cell.angle_alpha   90.00
_cell.angle_beta   90.00
_cell.angle_gamma   90.00
#
_symmetry.space_group_name_H-M   'P 1'
#
loop_
_entity.id
_entity.type
_entity.pdbx_description
1 polymer 'Integrin subunit alpha 5'
2 polymer 'Integrin beta-1'
3 non-polymer 2-acetamido-2-deoxy-beta-D-glucopyranose
#
loop_
_entity_poly.entity_id
_entity_poly.type
_entity_poly.pdbx_seq_one_letter_code
_entity_poly.pdbx_strand_id
1 'polypeptide(L)'
;MPPRQPTRRPGGGPSRELGKLLPALSHSPLGGLGSGSGSVAPGQGRTGAMGSWTPRSPRSPLHAVLLRWGPRRLPPLLPL
LLLLWPPPLQVGGFNLDAEAPAVLSGPPGSLFGFSVEFYRPGRDGVSVLVGAPKANTSQPGVLQGGAVYVCPWGTSPIQC
STIQFDSKGSRILESSLYSEEPVEYKSLQWFGATVRAHGSSILACAPLYSWRTEKDPQNDPVGTCYLSTENFTRILEYAP
CRSDFGSAAGQGYCQGGFSAEFTKTGRVVLGGPGSYFWQGQILSATQEQISESYYPQYLINPVQGQLQTRQASSVYDDSY
LGYSVAVGEFSGDDTEDFVAGVPKGNLTYGYVTVLNGSDIHSLYNVSGEQMASYFGYAVAATDTNGDGLDDLLVGAPLLM
ERTADGRPQEVGRVYIYLQHPEGIEPTPSLTLTGQDEFGRFGSSLTPLGDLDQDGYNDVAIGAPFGGEAQQGVVFIFPGG
PGGLNTKPSQVLQPLWAAGHTPDFFGSALRGGRDLDGNGYPDLIVGSFGVDKALVYRGRPIISASASLTIFPSMFNPEER
SCSLEGNPVSCINLSFCLNASGKHVPNSIGFEVELQLDWQKQKGGVRRALFLASKQATLTQTLLIQNGAREDCREMKIYL
RNESEFRDKLSPIHIALNFSLDPKAPMDSHGLRPVLHYQSKSRIEDKAQILLDCGEDNICVPDLQLAVYGEKKHVYLGDK
NALNLTFLAQNLGEGGAYEAELRVTAPLEAEYSGLVRHPGNFSSLSCDYFAVNQSRQLVCDLGNPMKAGTSIWGGLRFTV
PHLQDTKKTIQFDFQILSKNLNNSQSNMVSFPLSVEAQAQVSLNGVSKPEAVIFPVSDWNPQDQPQKEGDLGPAVHHVYE
LINQGPSSISQGVLEISCPQALEGQQLLYVTKVTGLNNCTSNYTPNSQGLELDPEVSPHHLQRREAPGRSSTTSGTQVLK
CPEAKCFRLRCEFGPLHRQESRSLQLHFRVWAKTFLQQEYQPFSLQCEALYEALKMPYQILPRQLPQKKLQVATAVQWTK
AEGSNGVPLWIIILAILFGLLLLGLLIYVLYKLGFFKRSLPYGTAMEKAQLKPPATSDA
;
P
2 'polypeptide(L)'
;MNLQLVFWIGLISLICSVFGQTDKNRCLKANAKSCGECIQAGPNCGWCTNTTFLQEGMPTSARCDDLEALKKKGCHPSDI
ENPRGSQTIKKNKNVTNRSKGMAEKLRPEDITQIQPQQLLLKLRSGEPQKFTLKFKRAEDYPIDLYYLMDLSYSMKDDLE
NVKSLGTDLMNEMRRITSDFRIGFGSFVEKTVMPYISTTPAKLRNPCTSEQNCTSPFSYKNVLSLTDRGEFFNELVGQQR
ISGNLDSPEGGFDAIMQVAVCGSLIGWRNVTRLLVFSTDAGFHFAGDGKLGGIVLPNDGQCHLENNVYTMSHYYDYPSAI
HLVQKLSENNIQTIFAVTEEFQPVYKELKNLIPKSAVGTLSGNSSNVIQLIIDAYNSLSSEVILENSKLPDGVTINYKSY
CKNGVNGTGENGRKCSNISIGDEVQFEISITANKCPNKESENQLKLNPLGFTEEVEVVLQFICKCNCQSHGIPASPKCHE
GNGTFECGACRCNEGRVGRHCECSTDEVNSEDMDAYCRKENSSEICSNNGECVCGQCVCRKRENTNEIYSGKFCECDNFN
CDRSNGLICGGNGVCRCRVCECYPNYTGSACDCSLDTVPCVATNGQICNGRGICECGACKCTDPKFQGPTCETCQTCLGV
CAEHKECVQCRAFNKGEKKDTCAQECSHFNLTKVESREKLPQPVQVDPVTHCKEKDIDDCWFYFTYSVNSKGEAHVHVVE
TPDCPTGPDIIPIVAGVVAGIVLIGLALLLIWKLLMIIHDRREFAKFEKEKMNAKWDTGENPIYKSAVTTVVNPKYEGK
;
Q
#
loop_
_chem_comp.id
_chem_comp.type
_chem_comp.name
_chem_comp.formula
NAG D-saccharide, beta linking 2-acetamido-2-deoxy-beta-D-glucopyranose 'C8 H15 N O6'
#
# COMPACT_ATOMS: atom_id res chain seq x y z
N PHE A 94 5.18 12.44 17.96
CA PHE A 94 3.86 13.00 18.23
C PHE A 94 3.12 12.16 19.25
N ASN A 95 1.80 12.30 19.31
CA ASN A 95 1.00 11.61 20.31
C ASN A 95 -0.47 11.62 19.90
N LEU A 96 -1.06 10.43 19.86
CA LEU A 96 -2.48 10.33 19.54
C LEU A 96 -3.17 9.19 20.29
N ASP A 97 -2.53 8.58 21.28
CA ASP A 97 -3.18 7.62 22.19
C ASP A 97 -3.74 6.45 21.38
N ALA A 98 -2.85 5.61 20.89
CA ALA A 98 -3.25 4.41 20.18
C ALA A 98 -3.68 3.29 21.12
N GLU A 99 -3.40 3.42 22.42
CA GLU A 99 -3.70 2.33 23.34
C GLU A 99 -5.17 2.30 23.74
N ALA A 100 -5.86 3.44 23.65
CA ALA A 100 -7.27 3.54 24.03
C ALA A 100 -8.06 3.91 22.79
N PRO A 101 -8.53 2.92 22.02
CA PRO A 101 -9.21 3.24 20.76
C PRO A 101 -10.55 3.94 20.93
N ALA A 102 -11.33 3.55 21.93
CA ALA A 102 -12.69 4.07 22.12
C ALA A 102 -13.56 3.82 20.88
N VAL A 103 -13.77 2.53 20.61
CA VAL A 103 -14.45 2.08 19.40
C VAL A 103 -15.94 2.32 19.49
N LEU A 104 -16.57 2.49 18.32
CA LEU A 104 -17.99 2.33 18.15
C LEU A 104 -18.27 0.94 17.57
N SER A 105 -19.50 0.69 17.15
CA SER A 105 -19.85 -0.60 16.58
C SER A 105 -21.06 -0.43 15.66
N GLY A 106 -21.29 -1.44 14.83
CA GLY A 106 -22.38 -1.41 13.88
C GLY A 106 -23.13 -2.72 13.78
N PRO A 107 -24.25 -2.71 13.06
CA PRO A 107 -25.07 -3.91 12.97
C PRO A 107 -24.36 -4.99 12.18
N PRO A 108 -24.59 -6.27 12.52
CA PRO A 108 -23.89 -7.35 11.80
C PRO A 108 -24.34 -7.48 10.36
N GLY A 109 -23.40 -7.91 9.51
CA GLY A 109 -23.67 -8.10 8.11
C GLY A 109 -23.97 -6.83 7.34
N SER A 110 -23.77 -5.68 7.95
CA SER A 110 -24.08 -4.39 7.33
C SER A 110 -22.86 -3.50 7.50
N LEU A 111 -22.22 -3.14 6.39
CA LEU A 111 -20.95 -2.46 6.48
C LEU A 111 -21.11 -1.09 7.15
N PHE A 112 -20.10 -0.71 7.92
CA PHE A 112 -20.18 0.37 8.87
C PHE A 112 -18.94 1.26 8.75
N GLY A 113 -19.12 2.54 9.04
CA GLY A 113 -18.00 3.45 8.94
C GLY A 113 -17.44 3.56 7.54
N PHE A 114 -18.28 3.45 6.52
CA PHE A 114 -17.82 3.72 5.16
C PHE A 114 -17.62 5.20 4.91
N SER A 115 -18.15 6.07 5.78
CA SER A 115 -17.84 7.50 5.74
C SER A 115 -18.10 8.04 7.14
N VAL A 116 -17.06 8.63 7.74
CA VAL A 116 -17.10 9.08 9.13
C VAL A 116 -16.61 10.53 9.19
N GLU A 117 -17.42 11.41 9.79
CA GLU A 117 -17.20 12.85 9.72
C GLU A 117 -17.59 13.49 11.04
N PHE A 118 -17.01 14.66 11.31
CA PHE A 118 -17.28 15.38 12.54
C PHE A 118 -18.50 16.28 12.38
N TYR A 119 -19.23 16.48 13.48
CA TYR A 119 -20.47 17.23 13.48
C TYR A 119 -20.43 18.23 14.63
N ARG A 120 -20.63 19.50 14.30
CA ARG A 120 -20.64 20.59 15.27
C ARG A 120 -19.41 20.53 16.19
N PRO A 121 -18.20 20.55 15.63
CA PRO A 121 -17.01 20.31 16.45
C PRO A 121 -16.79 21.41 17.48
N GLY A 122 -16.32 21.00 18.65
CA GLY A 122 -16.02 21.96 19.71
C GLY A 122 -17.20 22.79 20.14
N ARG A 123 -18.36 22.15 20.29
CA ARG A 123 -19.57 22.87 20.68
C ARG A 123 -20.52 21.92 21.37
N ASP A 124 -21.71 22.42 21.69
CA ASP A 124 -22.69 21.63 22.43
C ASP A 124 -23.15 20.43 21.60
N GLY A 125 -23.43 19.34 22.31
CA GLY A 125 -23.92 18.13 21.65
C GLY A 125 -23.03 17.65 20.53
N VAL A 126 -21.72 17.88 20.66
CA VAL A 126 -20.79 17.55 19.58
C VAL A 126 -20.81 16.04 19.36
N SER A 127 -21.06 15.64 18.12
CA SER A 127 -21.32 14.25 17.79
C SER A 127 -20.41 13.82 16.65
N VAL A 128 -20.43 12.52 16.37
CA VAL A 128 -19.68 11.93 15.27
C VAL A 128 -20.66 11.20 14.36
N LEU A 129 -20.60 11.51 13.07
CA LEU A 129 -21.47 10.90 12.08
C LEU A 129 -20.78 9.71 11.44
N VAL A 130 -21.51 8.61 11.30
CA VAL A 130 -21.00 7.41 10.66
C VAL A 130 -21.98 6.96 9.59
N GLY A 131 -21.46 6.55 8.44
CA GLY A 131 -22.28 6.12 7.32
C GLY A 131 -22.20 4.61 7.12
N ALA A 132 -23.37 4.02 6.87
CA ALA A 132 -23.50 2.58 6.66
C ALA A 132 -24.38 2.34 5.43
N PRO A 133 -23.81 2.47 4.23
CA PRO A 133 -24.66 2.41 3.03
C PRO A 133 -25.39 1.09 2.84
N LYS A 134 -24.84 -0.03 3.27
CA LYS A 134 -25.49 -1.31 3.06
C LYS A 134 -26.37 -1.75 4.22
N ALA A 135 -26.46 -0.95 5.28
CA ALA A 135 -27.25 -1.33 6.44
C ALA A 135 -28.74 -1.34 6.11
N ASN A 136 -29.50 -2.03 6.94
CA ASN A 136 -30.95 -2.05 6.79
C ASN A 136 -31.55 -0.74 7.27
N THR A 137 -32.57 -0.27 6.56
CA THR A 137 -33.32 0.92 6.93
C THR A 137 -34.70 0.51 7.41
N SER A 138 -35.57 1.49 7.63
CA SER A 138 -36.88 1.24 8.22
C SER A 138 -37.93 0.84 7.20
N GLN A 139 -37.92 1.45 6.01
CA GLN A 139 -38.99 1.22 5.05
C GLN A 139 -38.97 -0.22 4.53
N PRO A 140 -40.12 -0.89 4.54
CA PRO A 140 -40.19 -2.28 4.04
C PRO A 140 -39.87 -2.41 2.57
N GLY A 141 -40.18 -1.36 1.80
CA GLY A 141 -40.03 -1.45 0.35
C GLY A 141 -38.58 -1.57 -0.09
N VAL A 142 -37.68 -0.89 0.58
CA VAL A 142 -36.28 -0.79 0.16
C VAL A 142 -35.44 -1.74 0.99
N LEU A 143 -34.67 -2.57 0.30
CA LEU A 143 -33.68 -3.44 0.94
C LEU A 143 -32.28 -2.85 0.77
N GLN A 144 -31.47 -2.99 1.81
CA GLN A 144 -30.12 -2.42 1.84
C GLN A 144 -30.16 -0.91 1.60
N GLY A 145 -31.18 -0.26 2.16
CA GLY A 145 -31.29 1.17 2.00
C GLY A 145 -30.14 1.93 2.63
N GLY A 146 -29.78 1.57 3.85
CA GLY A 146 -28.71 2.23 4.54
C GLY A 146 -29.13 3.55 5.15
N ALA A 147 -28.47 3.90 6.25
CA ALA A 147 -28.71 5.17 6.92
C ALA A 147 -27.47 5.54 7.70
N VAL A 148 -27.28 6.83 7.93
CA VAL A 148 -26.18 7.30 8.75
C VAL A 148 -26.67 7.43 10.18
N TYR A 149 -25.80 7.11 11.13
CA TYR A 149 -26.13 7.17 12.54
C TYR A 149 -25.34 8.30 13.18
N VAL A 150 -26.02 9.21 13.82
CA VAL A 150 -25.34 10.18 14.66
C VAL A 150 -25.00 9.47 15.96
N CYS A 151 -23.94 9.90 16.62
CA CYS A 151 -23.56 9.33 17.91
C CYS A 151 -23.22 10.43 18.90
N PRO A 152 -24.02 10.60 19.96
CA PRO A 152 -23.77 11.70 20.90
C PRO A 152 -22.51 11.45 21.70
N TRP A 153 -21.37 11.66 21.05
CA TRP A 153 -20.09 11.37 21.68
C TRP A 153 -19.86 12.25 22.88
N GLY A 154 -19.18 11.69 23.88
CA GLY A 154 -18.87 12.42 25.09
C GLY A 154 -19.02 11.61 26.36
N THR A 155 -19.46 10.36 26.22
CA THR A 155 -19.65 9.47 27.35
C THR A 155 -18.78 8.23 27.19
N SER A 156 -18.54 7.53 28.31
CA SER A 156 -17.73 6.32 28.27
C SER A 156 -18.33 5.25 27.37
N PRO A 157 -19.64 4.92 27.44
CA PRO A 157 -20.24 4.09 26.39
C PRO A 157 -20.74 4.97 25.24
N ILE A 158 -20.40 4.62 24.00
CA ILE A 158 -20.65 5.49 22.88
C ILE A 158 -21.66 4.82 21.95
N GLN A 159 -22.57 4.04 22.53
CA GLN A 159 -23.67 3.48 21.77
C GLN A 159 -24.55 4.60 21.21
N CYS A 160 -25.07 4.40 20.01
CA CYS A 160 -25.80 5.47 19.35
C CYS A 160 -26.88 4.92 18.43
N SER A 161 -27.90 5.75 18.19
CA SER A 161 -29.09 5.41 17.43
C SER A 161 -28.98 5.91 15.99
N THR A 162 -30.09 5.87 15.27
CA THR A 162 -30.16 6.22 13.86
C THR A 162 -30.94 7.50 13.67
N ILE A 163 -30.46 8.36 12.77
CA ILE A 163 -31.22 9.54 12.35
C ILE A 163 -31.97 9.18 11.07
N GLN A 164 -33.11 9.83 10.88
CA GLN A 164 -34.04 9.47 9.81
C GLN A 164 -34.07 10.58 8.77
N PHE A 165 -33.26 10.43 7.72
CA PHE A 165 -33.34 11.34 6.59
C PHE A 165 -34.69 11.22 5.89
N ASP A 166 -35.01 10.02 5.41
CA ASP A 166 -36.22 9.83 4.63
C ASP A 166 -36.65 8.37 4.77
N SER A 167 -37.64 8.12 5.62
CA SER A 167 -38.30 6.83 5.69
C SER A 167 -39.70 7.05 5.13
N LYS A 168 -39.80 7.00 3.80
CA LYS A 168 -41.03 7.29 3.10
C LYS A 168 -41.06 6.47 1.82
N GLY A 169 -42.25 6.40 1.22
CA GLY A 169 -42.40 5.77 -0.07
C GLY A 169 -43.33 6.56 -0.96
N SER A 170 -43.85 7.68 -0.45
CA SER A 170 -44.83 8.47 -1.20
C SER A 170 -44.21 9.08 -2.45
N ARG A 171 -42.98 9.61 -2.34
CA ARG A 171 -42.37 10.28 -3.48
C ARG A 171 -42.15 9.33 -4.64
N ILE A 172 -41.62 8.14 -4.37
CA ILE A 172 -41.24 7.23 -5.45
C ILE A 172 -42.46 6.68 -6.17
N LEU A 173 -43.53 6.38 -5.42
CA LEU A 173 -44.66 5.70 -6.03
C LEU A 173 -45.46 6.63 -6.93
N GLU A 174 -46.27 6.03 -7.79
CA GLU A 174 -47.27 6.73 -8.59
C GLU A 174 -46.66 7.85 -9.43
N SER A 175 -45.60 7.52 -10.15
CA SER A 175 -45.09 8.42 -11.17
C SER A 175 -46.08 8.47 -12.33
N SER A 176 -46.73 9.61 -12.51
CA SER A 176 -47.82 9.80 -13.47
C SER A 176 -49.03 8.93 -13.09
N LEU A 177 -49.11 8.53 -11.83
CA LEU A 177 -50.29 7.85 -11.27
C LEU A 177 -50.64 6.58 -12.03
N TYR A 178 -49.75 5.59 -11.98
CA TYR A 178 -49.99 4.28 -12.59
C TYR A 178 -49.48 3.19 -11.67
N SER A 179 -50.40 2.35 -11.19
CA SER A 179 -49.99 1.19 -10.40
C SER A 179 -49.19 0.19 -11.23
N GLU A 180 -49.60 -0.02 -12.48
CA GLU A 180 -48.84 -0.86 -13.38
C GLU A 180 -47.52 -0.19 -13.74
N GLU A 181 -46.44 -0.96 -13.65
CA GLU A 181 -45.08 -0.44 -13.76
C GLU A 181 -44.89 0.76 -12.82
N PRO A 182 -45.12 0.58 -11.52
CA PRO A 182 -45.21 1.77 -10.65
C PRO A 182 -43.89 2.50 -10.48
N VAL A 183 -42.85 1.81 -10.03
CA VAL A 183 -41.55 2.43 -9.79
C VAL A 183 -40.46 1.47 -10.21
N GLU A 184 -39.27 2.00 -10.48
CA GLU A 184 -38.04 1.22 -10.48
C GLU A 184 -37.54 1.24 -9.05
N TYR A 185 -37.49 0.07 -8.42
CA TYR A 185 -37.31 0.00 -6.98
C TYR A 185 -36.01 0.66 -6.53
N LYS A 186 -36.09 1.39 -5.43
CA LYS A 186 -34.99 2.15 -4.86
C LYS A 186 -34.05 1.28 -4.01
N SER A 187 -34.39 0.01 -3.81
CA SER A 187 -33.60 -0.90 -3.00
C SER A 187 -32.16 -0.98 -3.50
N LEU A 188 -31.28 -1.42 -2.61
CA LEU A 188 -29.85 -1.60 -2.85
C LEU A 188 -29.14 -0.28 -3.12
N GLN A 189 -29.81 0.86 -2.94
CA GLN A 189 -29.17 2.15 -3.12
C GLN A 189 -28.24 2.41 -1.94
N TRP A 190 -26.99 2.73 -2.23
CA TRP A 190 -26.07 3.12 -1.18
C TRP A 190 -26.48 4.48 -0.64
N PHE A 191 -26.36 4.67 0.67
CA PHE A 191 -26.81 5.90 1.32
C PHE A 191 -25.76 6.54 2.21
N GLY A 192 -24.59 5.92 2.36
CA GLY A 192 -23.59 6.49 3.24
C GLY A 192 -22.21 6.50 2.64
N ALA A 193 -22.12 6.32 1.32
CA ALA A 193 -20.82 6.29 0.67
C ALA A 193 -20.09 7.60 0.85
N THR A 194 -20.80 8.72 0.71
CA THR A 194 -20.20 10.06 0.84
C THR A 194 -21.17 10.93 1.64
N VAL A 195 -20.96 10.97 2.94
CA VAL A 195 -21.67 11.87 3.84
C VAL A 195 -20.69 12.92 4.33
N ARG A 196 -21.16 14.15 4.49
CA ARG A 196 -20.34 15.20 5.05
C ARG A 196 -21.23 16.28 5.65
N ALA A 197 -20.64 17.09 6.51
CA ALA A 197 -21.40 18.10 7.24
C ALA A 197 -20.48 19.25 7.63
N HIS A 198 -21.03 20.46 7.63
CA HIS A 198 -20.37 21.61 8.21
C HIS A 198 -21.42 22.48 8.86
N GLY A 199 -21.05 23.12 9.97
CA GLY A 199 -22.04 23.88 10.71
C GLY A 199 -23.15 22.97 11.20
N SER A 200 -24.39 23.35 10.90
CA SER A 200 -25.55 22.58 11.30
C SER A 200 -26.22 21.85 10.14
N SER A 201 -25.85 22.16 8.90
CA SER A 201 -26.44 21.54 7.73
C SER A 201 -25.56 20.39 7.26
N ILE A 202 -26.17 19.22 7.03
CA ILE A 202 -25.43 18.03 6.68
C ILE A 202 -25.98 17.47 5.38
N LEU A 203 -25.10 16.83 4.60
CA LEU A 203 -25.48 16.19 3.35
C LEU A 203 -25.13 14.70 3.43
N ALA A 204 -26.01 13.87 2.90
CA ALA A 204 -25.80 12.42 2.89
C ALA A 204 -26.01 11.93 1.46
N CYS A 205 -24.96 12.00 0.65
CA CYS A 205 -25.05 11.60 -0.74
C CYS A 205 -25.26 10.11 -0.87
N ALA A 206 -26.07 9.72 -1.85
CA ALA A 206 -26.51 8.35 -2.03
C ALA A 206 -26.26 7.93 -3.47
N PRO A 207 -25.03 7.55 -3.81
CA PRO A 207 -24.76 7.03 -5.15
C PRO A 207 -25.47 5.69 -5.33
N LEU A 208 -25.48 5.23 -6.58
CA LEU A 208 -26.20 4.04 -7.00
C LEU A 208 -27.70 4.18 -6.82
N TYR A 209 -28.21 5.40 -6.66
CA TYR A 209 -29.64 5.63 -6.72
C TYR A 209 -30.13 5.43 -8.14
N SER A 210 -31.24 4.72 -8.28
CA SER A 210 -31.79 4.36 -9.59
C SER A 210 -33.23 4.86 -9.70
N TRP A 211 -33.59 5.31 -10.90
CA TRP A 211 -34.89 5.92 -11.11
C TRP A 211 -35.26 5.79 -12.59
N ARG A 212 -36.57 5.68 -12.84
CA ARG A 212 -37.10 5.57 -14.19
C ARG A 212 -37.52 6.95 -14.67
N THR A 213 -37.02 7.35 -15.84
CA THR A 213 -37.37 8.63 -16.41
C THR A 213 -38.83 8.63 -16.87
N GLU A 214 -39.35 9.83 -17.12
CA GLU A 214 -40.74 9.97 -17.53
C GLU A 214 -40.99 9.36 -18.90
N LYS A 215 -40.04 9.52 -19.82
CA LYS A 215 -40.28 9.19 -21.22
C LYS A 215 -40.50 7.69 -21.42
N ASP A 216 -39.59 6.87 -20.90
CA ASP A 216 -39.53 5.46 -21.26
C ASP A 216 -38.85 4.72 -20.12
N PRO A 217 -39.31 3.49 -19.82
CA PRO A 217 -38.65 2.71 -18.75
C PRO A 217 -37.17 2.52 -19.02
N GLN A 218 -36.35 2.77 -18.01
CA GLN A 218 -34.90 2.62 -18.09
C GLN A 218 -34.41 2.05 -16.77
N ASN A 219 -33.10 2.09 -16.58
CA ASN A 219 -32.44 1.71 -15.34
C ASN A 219 -31.37 2.74 -14.99
N ASP A 220 -31.75 4.01 -15.05
CA ASP A 220 -30.81 5.12 -15.00
C ASP A 220 -30.30 5.35 -13.57
N PRO A 221 -29.01 5.24 -13.33
CA PRO A 221 -28.43 5.54 -12.01
C PRO A 221 -28.07 7.02 -11.85
N VAL A 222 -29.10 7.84 -11.63
CA VAL A 222 -28.90 9.28 -11.53
C VAL A 222 -28.14 9.63 -10.25
N GLY A 223 -28.57 9.07 -9.13
CA GLY A 223 -27.93 9.40 -7.86
C GLY A 223 -28.46 10.68 -7.25
N THR A 224 -28.78 10.60 -5.96
CA THR A 224 -29.29 11.76 -5.24
C THR A 224 -28.52 11.95 -3.95
N CYS A 225 -28.52 13.18 -3.47
CA CYS A 225 -27.95 13.54 -2.18
C CYS A 225 -29.02 14.18 -1.33
N TYR A 226 -29.17 13.70 -0.09
CA TYR A 226 -30.17 14.19 0.83
C TYR A 226 -29.56 15.27 1.71
N LEU A 227 -30.21 16.43 1.75
CA LEU A 227 -29.69 17.58 2.47
C LEU A 227 -30.67 17.97 3.57
N SER A 228 -30.18 18.08 4.80
CA SER A 228 -30.98 18.53 5.94
C SER A 228 -30.27 19.72 6.59
N THR A 229 -31.03 20.77 6.88
CA THR A 229 -30.45 22.00 7.39
C THR A 229 -31.16 22.46 8.66
N GLU A 230 -30.42 23.24 9.46
CA GLU A 230 -30.94 23.89 10.67
C GLU A 230 -31.48 22.86 11.66
N ASN A 231 -30.57 22.05 12.17
CA ASN A 231 -30.84 21.09 13.25
C ASN A 231 -31.96 20.14 12.87
N PHE A 232 -31.90 19.62 11.65
CA PHE A 232 -32.85 18.63 11.14
C PHE A 232 -34.27 19.18 11.12
N THR A 233 -34.42 20.49 10.97
CA THR A 233 -35.77 21.07 10.88
C THR A 233 -36.48 20.62 9.62
N ARG A 234 -35.79 20.69 8.49
CA ARG A 234 -36.37 20.28 7.21
C ARG A 234 -35.35 19.52 6.40
N ILE A 235 -35.83 18.67 5.52
CA ILE A 235 -34.99 17.87 4.65
C ILE A 235 -35.13 18.38 3.22
N LEU A 236 -34.03 18.30 2.48
CA LEU A 236 -33.99 18.75 1.09
C LEU A 236 -33.45 17.61 0.25
N GLU A 237 -33.89 17.56 -0.99
CA GLU A 237 -33.45 16.54 -1.94
C GLU A 237 -32.69 17.22 -3.08
N TYR A 238 -31.46 16.78 -3.32
CA TYR A 238 -30.58 17.37 -4.32
C TYR A 238 -30.10 16.27 -5.25
N ALA A 239 -30.73 16.18 -6.42
CA ALA A 239 -30.31 15.25 -7.47
C ALA A 239 -30.17 16.06 -8.75
N PRO A 240 -29.14 16.90 -8.83
CA PRO A 240 -29.01 17.80 -9.99
C PRO A 240 -28.83 17.07 -11.30
N CYS A 241 -28.41 15.81 -11.27
CA CYS A 241 -28.27 15.04 -12.50
C CYS A 241 -29.59 14.41 -12.94
N ARG A 242 -30.66 14.60 -12.18
CA ARG A 242 -32.00 14.17 -12.56
C ARG A 242 -32.65 15.30 -13.36
N SER A 243 -32.55 15.21 -14.68
CA SER A 243 -33.06 16.25 -15.57
C SER A 243 -33.88 15.61 -16.69
N ASP A 244 -34.45 16.47 -17.54
CA ASP A 244 -35.28 15.99 -18.63
C ASP A 244 -34.47 15.14 -19.60
N PHE A 245 -33.25 15.57 -19.93
CA PHE A 245 -32.41 14.87 -20.90
C PHE A 245 -31.59 13.79 -20.18
N GLY A 246 -32.33 12.86 -19.59
CA GLY A 246 -31.72 11.75 -18.88
C GLY A 246 -31.53 10.52 -19.75
N SER A 247 -30.30 10.32 -20.22
CA SER A 247 -29.96 9.16 -21.02
C SER A 247 -28.51 8.80 -20.76
N ALA A 248 -28.14 7.56 -21.09
CA ALA A 248 -26.78 7.10 -20.84
C ALA A 248 -25.74 7.94 -21.56
N ALA A 249 -26.13 8.63 -22.62
CA ALA A 249 -25.27 9.60 -23.30
C ALA A 249 -25.51 11.02 -22.82
N GLY A 250 -26.43 11.22 -21.88
CA GLY A 250 -26.72 12.53 -21.33
C GLY A 250 -26.30 12.66 -19.88
N GLN A 251 -27.26 12.57 -18.97
CA GLN A 251 -26.97 12.54 -17.55
C GLN A 251 -27.53 11.32 -16.84
N GLY A 252 -28.00 10.32 -17.57
CA GLY A 252 -28.68 9.18 -16.98
C GLY A 252 -27.84 8.37 -16.02
N TYR A 253 -26.55 8.25 -16.31
CA TYR A 253 -25.64 7.45 -15.50
C TYR A 253 -24.68 8.34 -14.72
N CYS A 254 -25.12 9.55 -14.39
CA CYS A 254 -24.25 10.51 -13.72
C CYS A 254 -23.79 9.98 -12.37
N GLN A 255 -24.67 9.33 -11.63
CA GLN A 255 -24.36 8.80 -10.30
C GLN A 255 -23.82 9.89 -9.39
N GLY A 256 -24.42 11.06 -9.47
CA GLY A 256 -23.99 12.20 -8.68
C GLY A 256 -24.07 11.92 -7.19
N GLY A 257 -22.99 12.22 -6.48
CA GLY A 257 -22.95 11.98 -5.06
C GLY A 257 -21.77 11.13 -4.67
N PHE A 258 -21.00 10.70 -5.66
CA PHE A 258 -19.88 9.81 -5.41
C PHE A 258 -18.75 10.50 -4.67
N SER A 259 -18.74 11.83 -4.63
CA SER A 259 -17.74 12.58 -3.89
C SER A 259 -18.28 13.98 -3.67
N ALA A 260 -18.27 14.42 -2.41
CA ALA A 260 -18.80 15.72 -2.07
C ALA A 260 -18.01 16.27 -0.89
N GLU A 261 -18.09 17.58 -0.71
CA GLU A 261 -17.62 18.20 0.52
C GLU A 261 -18.26 19.57 0.63
N PHE A 262 -18.64 19.93 1.84
CA PHE A 262 -19.13 21.28 2.09
C PHE A 262 -17.96 22.25 2.05
N THR A 263 -18.05 23.26 1.18
CA THR A 263 -17.09 24.35 1.23
C THR A 263 -17.36 25.20 2.46
N LYS A 264 -16.33 25.95 2.89
CA LYS A 264 -16.45 26.73 4.11
C LYS A 264 -17.48 27.85 3.97
N THR A 265 -17.79 28.26 2.75
CA THR A 265 -18.77 29.32 2.54
C THR A 265 -20.20 28.80 2.47
N GLY A 266 -20.41 27.49 2.59
CA GLY A 266 -21.73 26.92 2.53
C GLY A 266 -22.08 26.21 1.24
N ARG A 267 -21.28 26.40 0.19
CA ARG A 267 -21.52 25.70 -1.07
C ARG A 267 -21.45 24.19 -0.87
N VAL A 268 -22.34 23.47 -1.55
CA VAL A 268 -22.23 22.02 -1.65
C VAL A 268 -21.59 21.69 -3.00
N VAL A 269 -20.42 21.08 -2.97
CA VAL A 269 -19.72 20.69 -4.17
C VAL A 269 -19.91 19.19 -4.36
N LEU A 270 -20.42 18.81 -5.53
CA LEU A 270 -20.88 17.46 -5.77
C LEU A 270 -20.23 16.93 -7.04
N GLY A 271 -19.89 15.64 -7.02
CA GLY A 271 -19.22 15.04 -8.15
C GLY A 271 -19.94 13.83 -8.72
N GLY A 272 -20.29 13.89 -10.00
CA GLY A 272 -20.92 12.79 -10.67
C GLY A 272 -19.97 12.11 -11.64
N PRO A 273 -19.51 10.91 -11.28
CA PRO A 273 -18.48 10.26 -12.09
C PRO A 273 -18.96 9.84 -13.47
N GLY A 274 -20.23 9.48 -13.62
CA GLY A 274 -20.67 8.87 -14.85
C GLY A 274 -21.51 9.76 -15.76
N SER A 275 -21.29 11.06 -15.69
CA SER A 275 -22.08 11.99 -16.49
C SER A 275 -21.56 12.07 -17.92
N TYR A 276 -22.50 12.23 -18.86
CA TYR A 276 -22.20 12.50 -20.26
C TYR A 276 -21.35 11.40 -20.88
N PHE A 277 -21.88 10.18 -20.88
CA PHE A 277 -21.16 9.01 -21.39
C PHE A 277 -19.82 8.85 -20.69
N TRP A 278 -19.85 8.98 -19.36
CA TRP A 278 -18.72 8.69 -18.49
C TRP A 278 -17.55 9.65 -18.68
N GLN A 279 -17.81 10.95 -18.83
CA GLN A 279 -16.71 11.90 -18.71
C GLN A 279 -16.74 12.64 -17.39
N GLY A 280 -17.87 12.65 -16.70
CA GLY A 280 -17.95 13.23 -15.38
C GLY A 280 -18.44 14.68 -15.40
N GLN A 281 -19.02 15.10 -14.28
CA GLN A 281 -19.57 16.44 -14.16
C GLN A 281 -19.52 16.87 -12.70
N ILE A 282 -19.10 18.10 -12.48
CA ILE A 282 -19.00 18.69 -11.14
C ILE A 282 -20.16 19.65 -10.96
N LEU A 283 -20.92 19.47 -9.88
CA LEU A 283 -22.13 20.24 -9.64
C LEU A 283 -22.00 20.97 -8.31
N SER A 284 -22.21 22.29 -8.33
CA SER A 284 -22.05 23.10 -7.14
C SER A 284 -23.09 24.21 -7.12
N ALA A 285 -23.67 24.43 -5.94
CA ALA A 285 -24.69 25.45 -5.75
C ALA A 285 -24.88 25.65 -4.25
N THR A 286 -24.75 26.89 -3.79
CA THR A 286 -24.82 27.11 -2.36
C THR A 286 -26.21 26.81 -1.82
N GLN A 287 -26.33 26.86 -0.49
CA GLN A 287 -27.56 26.43 0.17
C GLN A 287 -28.74 27.31 -0.18
N GLU A 288 -28.51 28.58 -0.52
CA GLU A 288 -29.62 29.49 -0.79
C GLU A 288 -30.43 29.05 -2.00
N GLN A 289 -29.75 28.74 -3.11
CA GLN A 289 -30.49 28.37 -4.31
C GLN A 289 -31.22 27.05 -4.15
N ILE A 290 -30.58 26.06 -3.53
CA ILE A 290 -31.24 24.76 -3.36
C ILE A 290 -32.42 24.89 -2.41
N SER A 291 -32.29 25.71 -1.37
CA SER A 291 -33.41 25.94 -0.46
C SER A 291 -34.56 26.63 -1.16
N GLU A 292 -34.26 27.62 -2.00
CA GLU A 292 -35.33 28.39 -2.64
C GLU A 292 -35.97 27.62 -3.79
N SER A 293 -35.20 26.82 -4.51
CA SER A 293 -35.67 26.18 -5.74
C SER A 293 -36.15 24.76 -5.54
N TYR A 294 -36.41 24.35 -4.29
CA TYR A 294 -36.88 22.99 -4.05
C TYR A 294 -38.38 22.92 -4.24
N TYR A 295 -38.83 21.96 -5.03
CA TYR A 295 -40.25 21.65 -5.15
C TYR A 295 -40.41 20.14 -5.17
N PRO A 296 -41.18 19.56 -4.26
CA PRO A 296 -41.21 18.11 -4.13
C PRO A 296 -41.90 17.40 -5.28
N GLN A 297 -43.04 17.93 -5.72
CA GLN A 297 -43.87 17.19 -6.67
C GLN A 297 -43.28 17.16 -8.07
N TYR A 298 -42.41 18.11 -8.40
CA TYR A 298 -41.59 17.97 -9.60
C TYR A 298 -40.42 17.04 -9.30
N LEU A 299 -40.48 15.83 -9.86
CA LEU A 299 -39.34 14.92 -9.78
C LEU A 299 -38.11 15.53 -10.46
N ILE A 300 -38.32 16.31 -11.51
CA ILE A 300 -37.25 17.02 -12.21
C ILE A 300 -37.40 18.49 -11.86
N ASN A 301 -36.44 19.02 -11.12
CA ASN A 301 -36.48 20.41 -10.66
C ASN A 301 -35.06 20.93 -10.60
N PRO A 302 -34.57 21.54 -11.69
CA PRO A 302 -33.20 22.03 -11.70
C PRO A 302 -33.00 23.22 -10.77
N VAL A 303 -31.80 23.33 -10.21
CA VAL A 303 -31.48 24.45 -9.35
C VAL A 303 -31.09 25.64 -10.21
N GLN A 304 -31.68 26.81 -9.92
CA GLN A 304 -31.46 27.98 -10.74
C GLN A 304 -29.99 28.39 -10.75
N GLY A 305 -29.48 28.78 -9.58
CA GLY A 305 -28.05 29.01 -9.47
C GLY A 305 -27.33 27.69 -9.45
N GLN A 306 -26.65 27.34 -10.54
CA GLN A 306 -26.05 26.03 -10.68
C GLN A 306 -24.77 26.17 -11.50
N LEU A 307 -23.69 25.57 -11.01
CA LEU A 307 -22.39 25.63 -11.68
C LEU A 307 -22.01 24.19 -12.03
N GLN A 308 -21.90 23.91 -13.32
CA GLN A 308 -21.62 22.56 -13.80
C GLN A 308 -20.53 22.61 -14.87
N THR A 309 -19.80 21.51 -15.01
CA THR A 309 -18.85 21.38 -16.10
C THR A 309 -19.58 21.07 -17.40
N ARG A 310 -19.12 21.68 -18.49
CA ARG A 310 -19.77 21.54 -19.77
C ARG A 310 -19.53 20.15 -20.35
N GLN A 311 -20.44 19.73 -21.25
CA GLN A 311 -20.22 18.50 -22.00
C GLN A 311 -18.98 18.62 -22.87
N ALA A 312 -18.17 17.58 -22.86
CA ALA A 312 -16.96 17.53 -23.66
C ALA A 312 -17.17 16.70 -24.92
N SER A 313 -16.18 16.72 -25.79
CA SER A 313 -16.26 15.97 -27.04
C SER A 313 -16.17 14.47 -26.76
N SER A 314 -16.41 13.69 -27.82
CA SER A 314 -16.37 12.24 -27.70
C SER A 314 -14.96 11.70 -27.49
N VAL A 315 -13.93 12.52 -27.67
CA VAL A 315 -12.57 12.01 -27.51
C VAL A 315 -12.20 11.87 -26.05
N TYR A 316 -12.95 12.52 -25.16
CA TYR A 316 -12.70 12.45 -23.71
C TYR A 316 -13.57 11.42 -23.02
N ASP A 317 -14.03 10.41 -23.75
CA ASP A 317 -14.87 9.38 -23.17
C ASP A 317 -14.09 8.56 -22.15
N ASP A 318 -14.80 8.08 -21.13
CA ASP A 318 -14.26 7.23 -20.07
C ASP A 318 -13.11 7.94 -19.34
N SER A 319 -13.48 9.04 -18.68
CA SER A 319 -12.53 9.79 -17.85
C SER A 319 -12.89 9.78 -16.37
N TYR A 320 -14.17 9.77 -16.01
CA TYR A 320 -14.68 9.66 -14.65
C TYR A 320 -14.40 10.89 -13.79
N LEU A 321 -14.58 12.09 -14.34
CA LEU A 321 -14.39 13.31 -13.56
C LEU A 321 -15.37 13.34 -12.39
N GLY A 322 -14.87 13.69 -11.22
CA GLY A 322 -15.67 13.73 -10.02
C GLY A 322 -15.54 12.52 -9.12
N TYR A 323 -14.61 11.62 -9.41
CA TYR A 323 -14.38 10.48 -8.53
C TYR A 323 -13.99 10.92 -7.13
N SER A 324 -13.22 12.00 -7.02
CA SER A 324 -12.82 12.55 -5.73
C SER A 324 -12.64 14.04 -5.87
N VAL A 325 -13.31 14.81 -5.04
CA VAL A 325 -13.30 16.26 -5.12
C VAL A 325 -13.00 16.82 -3.73
N ALA A 326 -12.40 18.01 -3.70
CA ALA A 326 -12.09 18.69 -2.46
C ALA A 326 -12.03 20.19 -2.73
N VAL A 327 -12.02 20.97 -1.66
CA VAL A 327 -11.97 22.42 -1.74
C VAL A 327 -10.66 22.90 -1.13
N GLY A 328 -10.19 24.05 -1.60
CA GLY A 328 -8.94 24.62 -1.13
C GLY A 328 -8.91 26.13 -1.30
N GLU A 329 -7.71 26.68 -1.39
CA GLU A 329 -7.50 28.12 -1.55
C GLU A 329 -6.45 28.38 -2.60
N PHE A 330 -6.55 27.69 -3.74
CA PHE A 330 -5.49 27.73 -4.74
C PHE A 330 -5.44 29.06 -5.46
N SER A 331 -6.60 29.69 -5.66
CA SER A 331 -6.61 31.07 -6.12
C SER A 331 -6.04 31.98 -5.03
N GLY A 332 -5.39 33.07 -5.46
CA GLY A 332 -4.76 33.95 -4.51
C GLY A 332 -5.74 34.58 -3.55
N ASP A 333 -6.95 34.86 -4.02
CA ASP A 333 -7.98 35.49 -3.22
C ASP A 333 -8.49 34.48 -2.19
N ASP A 334 -9.19 34.97 -1.17
CA ASP A 334 -9.74 34.09 -0.14
C ASP A 334 -10.78 33.13 -0.72
N THR A 335 -11.27 33.40 -1.93
CA THR A 335 -12.26 32.55 -2.57
C THR A 335 -11.76 31.13 -2.68
N GLU A 336 -12.61 30.17 -2.30
CA GLU A 336 -12.23 28.77 -2.29
C GLU A 336 -12.35 28.17 -3.68
N ASP A 337 -11.27 27.53 -4.13
CA ASP A 337 -11.25 26.83 -5.41
C ASP A 337 -11.50 25.34 -5.21
N PHE A 338 -12.05 24.72 -6.24
CA PHE A 338 -12.40 23.30 -6.20
C PHE A 338 -11.33 22.49 -6.91
N VAL A 339 -10.98 21.35 -6.34
CA VAL A 339 -10.01 20.43 -6.94
C VAL A 339 -10.70 19.10 -7.18
N ALA A 340 -10.50 18.55 -8.38
CA ALA A 340 -11.09 17.27 -8.75
C ALA A 340 -10.09 16.46 -9.55
N GLY A 341 -10.06 15.16 -9.28
CA GLY A 341 -9.15 14.25 -9.95
C GLY A 341 -9.87 13.40 -10.97
N VAL A 342 -9.28 13.27 -12.15
CA VAL A 342 -9.85 12.49 -13.23
C VAL A 342 -9.08 11.17 -13.32
N PRO A 343 -9.65 10.06 -12.88
CA PRO A 343 -8.87 8.83 -12.76
C PRO A 343 -8.43 8.22 -14.08
N LYS A 344 -9.34 8.08 -15.04
CA LYS A 344 -9.02 7.43 -16.30
C LYS A 344 -8.94 8.39 -17.47
N GLY A 345 -8.70 9.67 -17.23
CA GLY A 345 -8.51 10.62 -18.31
C GLY A 345 -7.14 10.50 -18.92
N ASN A 346 -6.95 11.22 -20.03
CA ASN A 346 -5.69 11.21 -20.77
C ASN A 346 -5.21 9.77 -20.96
N LEU A 347 -5.97 9.04 -21.78
CA LEU A 347 -5.64 7.67 -22.20
C LEU A 347 -5.13 6.81 -21.04
N THR A 348 -5.90 6.80 -19.95
CA THR A 348 -5.72 6.03 -18.71
C THR A 348 -4.68 6.65 -17.77
N TYR A 349 -3.90 7.64 -18.19
CA TYR A 349 -3.01 8.36 -17.28
C TYR A 349 -3.82 9.46 -16.60
N GLY A 350 -4.26 9.21 -15.38
CA GLY A 350 -5.15 10.14 -14.70
C GLY A 350 -4.53 11.50 -14.45
N TYR A 351 -5.40 12.48 -14.23
CA TYR A 351 -4.97 13.84 -13.94
C TYR A 351 -5.98 14.52 -13.04
N VAL A 352 -5.53 15.55 -12.32
CA VAL A 352 -6.33 16.24 -11.31
C VAL A 352 -6.40 17.72 -11.65
N THR A 353 -7.61 18.28 -11.60
CA THR A 353 -7.90 19.65 -12.01
C THR A 353 -8.20 20.53 -10.80
N VAL A 354 -7.95 21.83 -10.95
CA VAL A 354 -8.42 22.84 -10.02
C VAL A 354 -9.26 23.83 -10.80
N LEU A 355 -10.28 24.37 -10.16
CA LEU A 355 -11.30 25.13 -10.88
C LEU A 355 -11.51 26.49 -10.22
N ASN A 356 -11.85 27.49 -11.04
CA ASN A 356 -12.11 28.84 -10.59
C ASN A 356 -13.32 28.90 -9.66
N GLY A 357 -13.34 29.92 -8.81
CA GLY A 357 -14.35 29.96 -7.76
C GLY A 357 -15.77 30.19 -8.24
N SER A 358 -16.07 31.39 -8.73
CA SER A 358 -17.44 31.76 -9.05
C SER A 358 -17.88 31.31 -10.43
N ASP A 359 -16.99 30.66 -11.19
CA ASP A 359 -17.35 30.14 -12.51
C ASP A 359 -16.45 28.97 -12.79
N ILE A 360 -17.03 27.84 -13.18
CA ILE A 360 -16.25 26.62 -13.38
C ILE A 360 -15.33 26.81 -14.59
N HIS A 361 -14.03 26.63 -14.37
CA HIS A 361 -13.04 26.82 -15.43
C HIS A 361 -11.86 25.90 -15.16
N SER A 362 -11.04 25.73 -16.21
CA SER A 362 -10.05 24.66 -16.18
C SER A 362 -8.89 24.96 -15.23
N LEU A 363 -8.43 26.20 -15.21
CA LEU A 363 -7.31 26.64 -14.38
C LEU A 363 -6.10 25.71 -14.48
N TYR A 364 -5.66 25.16 -13.35
CA TYR A 364 -4.44 24.36 -13.27
C TYR A 364 -4.81 22.90 -13.05
N ASN A 365 -3.94 22.01 -13.51
CA ASN A 365 -4.27 20.60 -13.75
C ASN A 365 -3.05 19.80 -14.17
N VAL A 366 -2.79 18.74 -13.40
CA VAL A 366 -1.55 17.98 -13.42
C VAL A 366 -1.88 16.50 -13.58
N SER A 367 -1.00 15.78 -14.26
CA SER A 367 -1.32 14.45 -14.78
C SER A 367 -0.59 13.37 -14.00
N GLY A 368 -0.99 12.13 -14.25
CA GLY A 368 -0.36 11.01 -13.57
C GLY A 368 0.91 10.56 -14.31
N GLU A 369 1.70 9.74 -13.63
CA GLU A 369 2.99 9.32 -14.18
C GLU A 369 3.02 7.85 -14.59
N GLN A 370 1.98 7.08 -14.32
CA GLN A 370 1.97 5.69 -14.74
C GLN A 370 0.58 5.31 -15.17
N MET A 371 0.49 4.52 -16.23
CA MET A 371 -0.80 4.11 -16.75
C MET A 371 -1.47 3.12 -15.80
N ALA A 372 -2.78 3.28 -15.64
CA ALA A 372 -3.59 2.52 -14.69
C ALA A 372 -3.07 2.67 -13.27
N SER A 373 -2.82 3.91 -12.87
CA SER A 373 -2.37 4.23 -11.53
C SER A 373 -3.49 4.70 -10.63
N TYR A 374 -4.68 4.96 -11.18
CA TYR A 374 -5.76 5.63 -10.47
C TYR A 374 -5.27 6.88 -9.73
N PHE A 375 -4.63 7.75 -10.49
CA PHE A 375 -4.42 9.11 -10.03
C PHE A 375 -5.76 9.78 -9.77
N GLY A 376 -5.90 10.40 -8.61
CA GLY A 376 -7.14 11.06 -8.27
C GLY A 376 -8.16 10.20 -7.57
N TYR A 377 -7.78 9.03 -7.07
CA TYR A 377 -8.67 8.27 -6.21
C TYR A 377 -9.01 9.06 -4.96
N ALA A 378 -8.03 9.73 -4.36
CA ALA A 378 -8.28 10.53 -3.17
C ALA A 378 -7.49 11.83 -3.31
N VAL A 379 -8.19 12.94 -3.44
CA VAL A 379 -7.57 14.25 -3.49
C VAL A 379 -7.73 14.91 -2.12
N ALA A 380 -6.79 15.80 -1.80
CA ALA A 380 -6.81 16.50 -0.52
C ALA A 380 -6.13 17.84 -0.70
N ALA A 381 -6.40 18.77 0.20
CA ALA A 381 -5.86 20.12 0.06
C ALA A 381 -5.87 20.82 1.41
N THR A 382 -4.68 21.05 1.96
CA THR A 382 -4.52 21.89 3.14
C THR A 382 -3.15 22.56 3.12
N ASP A 383 -2.92 23.42 4.10
CA ASP A 383 -1.69 24.20 4.22
C ASP A 383 -0.62 23.33 4.86
N THR A 384 -0.14 22.34 4.10
CA THR A 384 0.88 21.43 4.60
C THR A 384 2.28 22.02 4.51
N ASN A 385 2.38 23.33 4.29
CA ASN A 385 3.67 23.99 4.13
C ASN A 385 3.93 25.08 5.15
N GLY A 386 2.92 25.52 5.89
CA GLY A 386 3.10 26.62 6.82
C GLY A 386 3.39 27.95 6.16
N ASP A 387 2.81 28.19 4.98
CA ASP A 387 2.99 29.46 4.28
C ASP A 387 1.68 30.20 4.01
N GLY A 388 0.54 29.62 4.35
CA GLY A 388 -0.73 30.27 4.15
C GLY A 388 -1.44 29.88 2.87
N LEU A 389 -0.75 29.22 1.95
CA LEU A 389 -1.35 28.78 0.70
C LEU A 389 -1.42 27.26 0.69
N ASP A 390 -2.61 26.72 0.46
CA ASP A 390 -2.83 25.30 0.60
C ASP A 390 -2.08 24.51 -0.46
N ASP A 391 -1.90 23.22 -0.18
CA ASP A 391 -1.15 22.31 -1.03
C ASP A 391 -2.03 21.14 -1.43
N LEU A 392 -1.90 20.71 -2.68
CA LEU A 392 -2.61 19.54 -3.15
C LEU A 392 -2.00 18.27 -2.58
N LEU A 393 -2.73 17.18 -2.72
CA LEU A 393 -2.28 15.86 -2.28
C LEU A 393 -3.09 14.83 -3.04
N VAL A 394 -2.45 14.14 -3.97
CA VAL A 394 -3.12 13.18 -4.84
C VAL A 394 -2.48 11.82 -4.64
N GLY A 395 -3.31 10.81 -4.41
CA GLY A 395 -2.86 9.46 -4.15
C GLY A 395 -3.20 8.53 -5.31
N ALA A 396 -2.30 7.59 -5.57
CA ALA A 396 -2.44 6.61 -6.65
C ALA A 396 -2.29 5.23 -6.03
N PRO A 397 -3.39 4.61 -5.61
CA PRO A 397 -3.29 3.35 -4.87
C PRO A 397 -2.57 2.24 -5.61
N LEU A 398 -2.76 2.14 -6.91
CA LEU A 398 -2.17 1.07 -7.71
C LEU A 398 -0.99 1.65 -8.47
N LEU A 399 0.19 1.03 -8.34
CA LEU A 399 1.37 1.60 -8.94
C LEU A 399 2.51 0.58 -9.00
N MET A 400 3.54 0.91 -9.79
CA MET A 400 4.77 0.16 -9.86
C MET A 400 5.79 0.65 -8.84
N GLU A 401 6.61 -0.29 -8.36
CA GLU A 401 7.96 0.02 -7.90
C GLU A 401 8.75 -1.28 -8.00
N ARG A 402 9.47 -1.44 -9.10
CA ARG A 402 10.40 -2.56 -9.20
C ARG A 402 11.51 -2.40 -8.17
N THR A 403 11.97 -3.52 -7.63
CA THR A 403 12.94 -3.50 -6.55
C THR A 403 14.18 -4.31 -6.92
N ALA A 404 15.07 -4.55 -5.94
CA ALA A 404 16.31 -5.25 -6.21
C ALA A 404 16.07 -6.59 -6.90
N ASP A 405 15.00 -7.28 -6.51
CA ASP A 405 14.65 -8.52 -7.20
C ASP A 405 14.16 -8.23 -8.61
N GLY A 406 13.51 -7.09 -8.81
CA GLY A 406 12.89 -6.76 -10.07
C GLY A 406 11.44 -7.16 -10.19
N ARG A 407 10.90 -7.89 -9.21
CA ARG A 407 9.50 -8.28 -9.28
C ARG A 407 8.60 -7.07 -9.06
N PRO A 408 7.62 -6.85 -9.93
CA PRO A 408 6.68 -5.75 -9.70
C PRO A 408 5.83 -5.99 -8.46
N GLN A 409 5.47 -4.92 -7.78
CA GLN A 409 4.61 -5.00 -6.61
C GLN A 409 3.45 -4.01 -6.74
N GLU A 410 2.57 -4.02 -5.74
CA GLU A 410 1.42 -3.13 -5.68
C GLU A 410 1.62 -2.17 -4.51
N VAL A 411 2.36 -1.10 -4.75
CA VAL A 411 2.63 -0.08 -3.75
C VAL A 411 2.14 1.25 -4.28
N GLY A 412 1.24 1.90 -3.55
CA GLY A 412 0.76 3.20 -3.93
C GLY A 412 1.64 4.29 -3.36
N ARG A 413 1.73 5.40 -4.08
CA ARG A 413 2.42 6.58 -3.60
C ARG A 413 1.48 7.77 -3.65
N VAL A 414 1.60 8.65 -2.67
CA VAL A 414 0.87 9.90 -2.66
C VAL A 414 1.80 10.98 -3.21
N TYR A 415 1.22 12.00 -3.82
CA TYR A 415 1.96 13.06 -4.45
C TYR A 415 1.63 14.38 -3.78
N ILE A 416 2.67 15.14 -3.45
CA ILE A 416 2.52 16.45 -2.86
C ILE A 416 2.80 17.49 -3.93
N TYR A 417 1.88 18.43 -4.10
CA TYR A 417 2.08 19.56 -4.99
C TYR A 417 2.04 20.83 -4.16
N LEU A 418 3.12 21.59 -4.19
CA LEU A 418 3.30 22.75 -3.34
C LEU A 418 2.93 24.00 -4.12
N GLN A 419 1.98 24.77 -3.59
CA GLN A 419 1.62 26.03 -4.22
C GLN A 419 2.74 27.05 -4.02
N HIS A 420 2.69 28.10 -4.81
CA HIS A 420 3.68 29.16 -4.83
C HIS A 420 2.98 30.50 -4.95
N PRO A 421 3.69 31.60 -4.63
CA PRO A 421 3.04 32.91 -4.72
C PRO A 421 2.46 33.22 -6.09
N GLU A 422 3.05 32.69 -7.16
CA GLU A 422 2.45 32.83 -8.48
C GLU A 422 1.15 32.04 -8.58
N GLY A 423 0.89 31.14 -7.64
CA GLY A 423 -0.35 30.42 -7.56
C GLY A 423 -0.41 29.13 -8.36
N ILE A 424 0.64 28.80 -9.11
CA ILE A 424 0.63 27.67 -10.03
C ILE A 424 1.37 26.50 -9.39
N GLU A 425 0.79 25.32 -9.48
CA GLU A 425 1.42 24.12 -8.98
C GLU A 425 2.31 23.51 -10.07
N PRO A 426 3.61 23.37 -9.83
CA PRO A 426 4.48 22.68 -10.80
C PRO A 426 4.48 21.16 -10.61
N THR A 427 5.39 20.48 -11.31
CA THR A 427 5.64 19.04 -11.20
C THR A 427 5.82 18.63 -9.75
N PRO A 428 5.66 17.35 -9.40
CA PRO A 428 5.60 16.97 -7.98
C PRO A 428 6.83 17.39 -7.20
N SER A 429 6.60 17.81 -5.96
CA SER A 429 7.66 18.26 -5.07
C SER A 429 7.96 17.26 -3.95
N LEU A 430 7.10 16.26 -3.75
CA LEU A 430 7.36 15.21 -2.78
C LEU A 430 6.55 13.98 -3.16
N THR A 431 6.94 12.84 -2.63
CA THR A 431 6.31 11.58 -2.98
C THR A 431 6.52 10.59 -1.84
N LEU A 432 5.45 10.25 -1.14
CA LEU A 432 5.49 9.34 0.02
C LEU A 432 4.92 8.00 -0.41
N THR A 433 5.80 7.11 -0.86
CA THR A 433 5.37 5.82 -1.35
C THR A 433 5.15 4.85 -0.20
N GLY A 434 4.62 3.67 -0.53
CA GLY A 434 4.30 2.65 0.45
C GLY A 434 5.37 1.57 0.49
N GLN A 435 5.20 0.67 1.46
CA GLN A 435 6.16 -0.41 1.64
C GLN A 435 5.49 -1.75 1.92
N ASP A 436 4.25 -1.94 1.48
CA ASP A 436 3.52 -3.18 1.69
C ASP A 436 3.12 -3.78 0.35
N GLU A 437 2.93 -5.10 0.33
CA GLU A 437 2.80 -5.82 -0.93
C GLU A 437 1.55 -5.36 -1.69
N PHE A 438 0.39 -5.37 -1.03
CA PHE A 438 -0.86 -5.05 -1.70
C PHE A 438 -1.60 -3.90 -1.04
N GLY A 439 -0.97 -3.21 -0.08
CA GLY A 439 -1.62 -2.10 0.58
C GLY A 439 -1.84 -0.95 -0.39
N ARG A 440 -3.10 -0.63 -0.67
CA ARG A 440 -3.42 0.48 -1.56
C ARG A 440 -3.15 1.78 -0.81
N PHE A 441 -1.87 2.12 -0.70
CA PHE A 441 -1.47 3.36 -0.08
C PHE A 441 -2.04 4.54 -0.85
N GLY A 442 -2.64 5.48 -0.13
CA GLY A 442 -3.26 6.62 -0.75
C GLY A 442 -4.72 6.46 -1.07
N SER A 443 -5.37 5.39 -0.62
CA SER A 443 -6.79 5.22 -0.86
C SER A 443 -7.61 6.29 -0.15
N SER A 444 -7.13 6.77 1.00
CA SER A 444 -7.79 7.82 1.76
C SER A 444 -6.75 8.85 2.17
N LEU A 445 -7.07 10.12 1.99
CA LEU A 445 -6.15 11.23 2.24
C LEU A 445 -6.93 12.39 2.84
N THR A 446 -6.85 12.54 4.16
CA THR A 446 -7.48 13.67 4.83
C THR A 446 -6.50 14.34 5.76
N PRO A 447 -6.66 15.64 6.00
CA PRO A 447 -5.68 16.39 6.79
C PRO A 447 -6.04 16.45 8.27
N LEU A 448 -5.03 16.78 9.07
CA LEU A 448 -5.19 17.11 10.47
C LEU A 448 -4.56 18.46 10.73
N GLY A 449 -5.20 19.27 11.57
CA GLY A 449 -4.72 20.62 11.79
C GLY A 449 -3.87 20.81 13.02
N ASP A 450 -2.55 20.82 12.85
CA ASP A 450 -1.61 21.25 13.88
C ASP A 450 -1.73 20.39 15.15
N LEU A 451 -1.44 19.09 15.00
CA LEU A 451 -1.46 18.20 16.16
C LEU A 451 -0.35 18.55 17.15
N ASP A 452 0.85 18.86 16.64
CA ASP A 452 1.92 19.33 17.50
C ASP A 452 1.80 20.81 17.85
N GLN A 453 0.84 21.51 17.24
CA GLN A 453 0.56 22.92 17.51
C GLN A 453 1.81 23.78 17.32
N ASP A 454 2.63 23.43 16.33
CA ASP A 454 3.77 24.24 15.93
C ASP A 454 3.48 25.07 14.68
N GLY A 455 2.22 25.18 14.29
CA GLY A 455 1.83 25.87 13.08
C GLY A 455 1.81 25.02 11.83
N TYR A 456 2.23 23.76 11.92
CA TYR A 456 2.33 22.87 10.77
C TYR A 456 1.27 21.78 10.89
N ASN A 457 0.53 21.56 9.81
CA ASN A 457 -0.61 20.65 9.81
C ASN A 457 -0.20 19.26 9.35
N ASP A 458 -0.71 18.25 10.04
CA ASP A 458 -0.44 16.85 9.76
C ASP A 458 -1.31 16.35 8.61
N VAL A 459 -1.05 15.11 8.19
CA VAL A 459 -1.90 14.39 7.27
C VAL A 459 -1.99 12.94 7.73
N ALA A 460 -2.98 12.24 7.21
CA ALA A 460 -3.19 10.83 7.52
C ALA A 460 -3.50 10.09 6.23
N ILE A 461 -2.75 9.02 5.98
CA ILE A 461 -2.93 8.20 4.78
C ILE A 461 -3.22 6.78 5.22
N GLY A 462 -4.25 6.18 4.67
CA GLY A 462 -4.70 4.85 5.05
C GLY A 462 -4.39 3.82 3.97
N ALA A 463 -3.83 2.70 4.40
CA ALA A 463 -3.58 1.57 3.51
C ALA A 463 -4.55 0.46 3.87
N PRO A 464 -5.65 0.31 3.13
CA PRO A 464 -6.68 -0.64 3.56
C PRO A 464 -6.21 -2.08 3.64
N PHE A 465 -5.11 -2.44 2.98
CA PHE A 465 -4.60 -3.80 3.03
C PHE A 465 -3.13 -3.85 3.43
N GLY A 466 -2.62 -2.79 4.03
CA GLY A 466 -1.24 -2.77 4.46
C GLY A 466 -1.02 -3.51 5.76
N GLY A 467 0.24 -3.65 6.11
CA GLY A 467 0.63 -4.29 7.36
C GLY A 467 0.54 -5.80 7.31
N GLU A 468 1.06 -6.43 8.35
CA GLU A 468 0.97 -7.87 8.48
C GLU A 468 -0.49 -8.29 8.63
N ALA A 469 -0.80 -9.49 8.14
CA ALA A 469 -2.16 -10.02 8.02
C ALA A 469 -3.03 -9.16 7.12
N GLN A 470 -2.45 -8.20 6.39
CA GLN A 470 -3.16 -7.28 5.49
C GLN A 470 -4.52 -6.84 6.06
N GLN A 471 -4.48 -6.32 7.28
CA GLN A 471 -5.71 -5.85 7.94
C GLN A 471 -5.95 -4.36 7.73
N GLY A 472 -4.90 -3.56 7.54
CA GLY A 472 -5.08 -2.14 7.34
C GLY A 472 -4.25 -1.28 8.26
N VAL A 473 -3.67 -0.22 7.72
CA VAL A 473 -2.76 0.65 8.44
C VAL A 473 -3.09 2.10 8.11
N VAL A 474 -3.03 2.97 9.11
CA VAL A 474 -3.17 4.40 8.92
C VAL A 474 -1.90 5.08 9.41
N PHE A 475 -1.21 5.75 8.50
CA PHE A 475 0.01 6.47 8.83
C PHE A 475 -0.30 7.92 9.12
N ILE A 476 0.63 8.60 9.79
CA ILE A 476 0.51 10.02 10.09
C ILE A 476 1.83 10.70 9.81
N PHE A 477 1.97 11.26 8.60
CA PHE A 477 3.22 11.92 8.33
C PHE A 477 3.22 13.34 8.89
N PRO A 478 4.33 13.78 9.50
CA PRO A 478 4.34 15.07 10.19
C PRO A 478 4.72 16.23 9.29
N GLY A 479 4.02 17.35 9.47
CA GLY A 479 4.32 18.53 8.71
C GLY A 479 5.62 19.18 9.17
N GLY A 480 6.34 19.73 8.20
CA GLY A 480 7.61 20.37 8.46
C GLY A 480 7.81 21.60 7.61
N PRO A 481 8.87 22.36 7.89
CA PRO A 481 9.09 23.61 7.12
C PRO A 481 9.25 23.36 5.63
N GLY A 482 9.92 22.28 5.24
CA GLY A 482 10.07 21.93 3.85
C GLY A 482 9.01 21.01 3.31
N GLY A 483 7.99 20.71 4.10
CA GLY A 483 6.95 19.80 3.68
C GLY A 483 6.81 18.64 4.63
N LEU A 484 6.16 17.56 4.19
CA LEU A 484 5.99 16.40 5.04
C LEU A 484 7.31 15.65 5.19
N ASN A 485 7.41 14.89 6.29
CA ASN A 485 8.55 14.03 6.53
C ASN A 485 8.20 12.60 6.19
N THR A 486 9.14 11.90 5.54
CA THR A 486 8.87 10.55 5.07
C THR A 486 8.62 9.59 6.24
N LYS A 487 9.27 9.83 7.36
CA LYS A 487 9.06 8.96 8.52
C LYS A 487 7.64 9.16 9.05
N PRO A 488 6.83 8.12 9.08
CA PRO A 488 5.38 8.31 9.26
C PRO A 488 4.95 8.49 10.70
N SER A 489 5.88 8.78 11.61
CA SER A 489 5.56 9.01 13.03
C SER A 489 4.73 7.83 13.51
N GLN A 490 3.53 8.06 14.05
CA GLN A 490 2.67 6.97 14.48
C GLN A 490 2.23 6.12 13.30
N VAL A 491 2.26 4.81 13.49
CA VAL A 491 1.76 3.87 12.51
C VAL A 491 0.64 3.07 13.18
N LEU A 492 -0.60 3.48 12.98
CA LEU A 492 -1.70 2.95 13.76
C LEU A 492 -2.23 1.67 13.13
N GLN A 493 -2.44 0.66 13.98
CA GLN A 493 -2.82 -0.67 13.56
C GLN A 493 -4.09 -1.09 14.30
N PRO A 494 -4.91 -1.96 13.71
CA PRO A 494 -6.08 -2.45 14.42
C PRO A 494 -5.68 -3.36 15.57
N LEU A 495 -6.54 -3.42 16.59
CA LEU A 495 -6.29 -4.23 17.76
C LEU A 495 -7.00 -5.57 17.73
N TRP A 496 -7.84 -5.82 16.75
CA TRP A 496 -8.67 -7.02 16.70
C TRP A 496 -7.85 -8.20 16.19
N ALA A 497 -8.53 -9.31 15.92
CA ALA A 497 -7.92 -10.51 15.40
C ALA A 497 -8.20 -10.67 13.91
N ALA A 498 -7.36 -11.44 13.24
CA ALA A 498 -7.50 -11.64 11.81
C ALA A 498 -8.78 -12.41 11.50
N GLY A 499 -9.45 -12.00 10.42
CA GLY A 499 -10.67 -12.65 9.99
C GLY A 499 -10.58 -13.06 8.53
N HIS A 500 -11.53 -13.89 8.12
CA HIS A 500 -11.56 -14.35 6.74
C HIS A 500 -11.76 -13.19 5.76
N THR A 501 -12.71 -12.32 6.04
CA THR A 501 -12.90 -11.16 5.18
C THR A 501 -11.97 -10.03 5.60
N PRO A 502 -11.47 -9.23 4.66
CA PRO A 502 -10.64 -8.09 5.05
C PRO A 502 -11.43 -7.10 5.88
N ASP A 503 -10.77 -6.49 6.86
CA ASP A 503 -11.42 -5.54 7.74
C ASP A 503 -11.35 -4.11 7.24
N PHE A 504 -10.62 -3.84 6.16
CA PHE A 504 -10.70 -2.58 5.44
C PHE A 504 -10.43 -1.39 6.36
N PHE A 505 -9.47 -1.55 7.24
CA PHE A 505 -9.06 -0.45 8.10
C PHE A 505 -8.54 0.72 7.27
N GLY A 506 -8.97 1.92 7.62
CA GLY A 506 -8.52 3.10 6.92
C GLY A 506 -9.17 3.34 5.58
N SER A 507 -10.19 2.55 5.23
CA SER A 507 -10.92 2.79 4.00
C SER A 507 -11.75 4.07 4.05
N ALA A 508 -11.90 4.66 5.23
CA ALA A 508 -12.60 5.94 5.36
C ALA A 508 -12.10 6.62 6.62
N LEU A 509 -11.66 7.87 6.51
CA LEU A 509 -11.22 8.61 7.68
C LEU A 509 -11.44 10.10 7.43
N ARG A 510 -11.45 10.86 8.52
CA ARG A 510 -11.58 12.32 8.45
C ARG A 510 -11.18 12.92 9.79
N GLY A 511 -10.19 13.79 9.80
CA GLY A 511 -9.77 14.41 11.03
C GLY A 511 -10.07 15.89 11.10
N GLY A 512 -9.06 16.71 11.40
CA GLY A 512 -9.20 18.15 11.32
C GLY A 512 -9.76 18.81 12.57
N ARG A 513 -11.04 19.13 12.55
CA ARG A 513 -11.65 19.91 13.62
C ARG A 513 -11.61 19.17 14.95
N ASP A 514 -11.43 19.92 16.03
CA ASP A 514 -11.31 19.34 17.35
C ASP A 514 -12.64 18.77 17.81
N LEU A 515 -12.58 17.61 18.48
CA LEU A 515 -13.77 16.91 18.95
C LEU A 515 -13.84 16.94 20.48
N ASP A 516 -12.78 16.54 21.17
CA ASP A 516 -12.80 16.54 22.63
C ASP A 516 -12.95 17.93 23.19
N GLY A 517 -12.35 18.92 22.54
CA GLY A 517 -12.50 20.31 22.94
C GLY A 517 -11.32 20.89 23.69
N ASN A 518 -10.21 20.16 23.80
CA ASN A 518 -9.03 20.65 24.49
C ASN A 518 -8.02 21.25 23.53
N GLY A 519 -8.49 21.90 22.47
CA GLY A 519 -7.61 22.52 21.51
C GLY A 519 -6.70 21.56 20.79
N TYR A 520 -6.96 20.26 20.87
CA TYR A 520 -6.14 19.26 20.23
C TYR A 520 -7.01 18.39 19.33
N PRO A 521 -6.75 18.37 18.03
CA PRO A 521 -7.62 17.63 17.11
C PRO A 521 -7.58 16.14 17.37
N ASP A 522 -8.67 15.49 17.01
CA ASP A 522 -8.79 14.04 17.15
C ASP A 522 -9.08 13.43 15.79
N LEU A 523 -8.52 12.26 15.54
CA LEU A 523 -8.64 11.59 14.27
C LEU A 523 -9.70 10.48 14.36
N ILE A 524 -10.26 10.14 13.21
CA ILE A 524 -11.26 9.09 13.11
C ILE A 524 -10.88 8.17 11.96
N VAL A 525 -11.17 6.88 12.11
CA VAL A 525 -11.00 5.90 11.04
C VAL A 525 -12.19 4.97 11.04
N GLY A 526 -12.45 4.36 9.89
CA GLY A 526 -13.53 3.40 9.73
C GLY A 526 -12.99 2.09 9.19
N SER A 527 -13.60 1.00 9.63
CA SER A 527 -13.21 -0.33 9.17
C SER A 527 -14.49 -1.10 8.86
N PHE A 528 -14.95 -0.98 7.62
CA PHE A 528 -16.20 -1.57 7.17
C PHE A 528 -16.10 -3.07 6.93
N GLY A 529 -14.97 -3.68 7.28
CA GLY A 529 -14.90 -5.14 7.24
C GLY A 529 -16.00 -5.79 8.05
N VAL A 530 -15.90 -5.68 9.38
CA VAL A 530 -17.03 -6.07 10.23
C VAL A 530 -17.25 -5.03 11.32
N ASP A 531 -18.12 -4.06 11.04
CA ASP A 531 -18.73 -3.17 12.04
C ASP A 531 -17.71 -2.62 13.02
N LYS A 532 -16.77 -1.83 12.49
CA LYS A 532 -15.71 -1.25 13.32
C LYS A 532 -15.43 0.17 12.85
N ALA A 533 -15.72 1.14 13.72
CA ALA A 533 -15.37 2.54 13.51
C ALA A 533 -14.62 3.04 14.73
N LEU A 534 -13.42 3.57 14.53
CA LEU A 534 -12.58 4.03 15.61
C LEU A 534 -12.55 5.55 15.62
N VAL A 535 -12.85 6.13 16.78
CA VAL A 535 -12.68 7.56 17.01
C VAL A 535 -11.57 7.73 18.03
N TYR A 536 -10.50 8.40 17.62
CA TYR A 536 -9.32 8.53 18.45
C TYR A 536 -9.31 9.87 19.17
N ARG A 537 -8.22 10.13 19.88
CA ARG A 537 -8.09 11.32 20.71
C ARG A 537 -6.66 11.81 20.64
N GLY A 538 -6.47 13.12 20.76
CA GLY A 538 -5.12 13.68 20.73
C GLY A 538 -4.66 14.19 22.08
N ARG A 539 -3.57 13.63 22.60
CA ARG A 539 -3.13 13.96 23.93
C ARG A 539 -2.43 15.31 23.97
N PRO A 540 -2.49 16.00 25.12
CA PRO A 540 -1.75 17.25 25.26
C PRO A 540 -0.24 17.00 25.29
N ILE A 541 0.52 18.02 24.92
CA ILE A 541 1.98 17.94 24.89
C ILE A 541 2.54 18.88 25.94
N ILE A 542 3.55 18.41 26.67
CA ILE A 542 4.23 19.21 27.69
C ILE A 542 5.71 19.24 27.35
N SER A 543 6.26 20.43 27.19
CA SER A 543 7.68 20.62 26.93
C SER A 543 8.36 20.98 28.26
N ALA A 544 9.26 20.12 28.72
CA ALA A 544 9.84 20.24 30.04
C ALA A 544 11.35 20.39 29.94
N SER A 545 11.92 21.18 30.85
CA SER A 545 13.36 21.39 30.91
C SER A 545 13.84 21.20 32.34
N ALA A 546 14.94 20.46 32.49
CA ALA A 546 15.53 20.19 33.78
C ALA A 546 17.01 20.53 33.75
N SER A 547 17.46 21.26 34.76
CA SER A 547 18.83 21.75 34.83
C SER A 547 19.45 21.34 36.17
N LEU A 548 20.65 20.76 36.09
CA LEU A 548 21.34 20.21 37.24
C LEU A 548 22.61 21.01 37.48
N THR A 549 22.84 21.41 38.73
CA THR A 549 23.98 22.24 39.10
C THR A 549 24.67 21.65 40.31
N ILE A 550 25.98 21.83 40.40
CA ILE A 550 26.81 21.34 41.48
C ILE A 550 27.69 22.49 41.97
N PHE A 551 27.77 22.65 43.29
CA PHE A 551 28.58 23.73 43.84
C PHE A 551 29.14 23.25 45.17
N PRO A 552 30.46 23.08 45.29
CA PRO A 552 31.47 23.19 44.22
C PRO A 552 31.56 21.93 43.38
N SER A 553 32.17 22.01 42.20
CA SER A 553 32.26 20.86 41.30
C SER A 553 33.22 19.78 41.80
N MET A 554 34.07 20.08 42.78
CA MET A 554 35.09 19.16 43.26
C MET A 554 34.92 18.90 44.75
N PHE A 555 34.97 17.63 45.14
CA PHE A 555 35.01 17.26 46.54
C PHE A 555 36.41 17.55 47.09
N ASN A 556 36.48 18.21 48.24
CA ASN A 556 37.75 18.35 48.93
C ASN A 556 37.74 17.39 50.10
N PRO A 557 38.57 16.34 50.07
CA PRO A 557 38.61 15.41 51.22
C PRO A 557 38.95 16.08 52.52
N GLU A 558 39.82 17.09 52.51
CA GLU A 558 40.24 17.73 53.75
C GLU A 558 39.18 18.67 54.30
N GLU A 559 38.36 19.27 53.44
CA GLU A 559 37.37 20.25 53.87
C GLU A 559 36.10 19.52 54.25
N ARG A 560 36.03 19.10 55.51
CA ARG A 560 34.87 18.36 56.03
C ARG A 560 33.89 19.35 56.67
N SER A 561 33.32 20.20 55.81
CA SER A 561 32.47 21.27 56.28
C SER A 561 31.13 20.80 56.83
N CYS A 562 30.65 19.63 56.40
CA CYS A 562 29.37 19.12 56.84
C CYS A 562 29.58 18.09 57.94
N SER A 563 28.54 17.93 58.77
CA SER A 563 28.57 16.99 59.89
C SER A 563 27.52 15.91 59.67
N LEU A 564 27.93 14.65 59.79
CA LEU A 564 27.05 13.51 59.65
C LEU A 564 27.00 12.78 60.98
N GLU A 565 25.86 12.90 61.68
CA GLU A 565 25.69 12.31 63.01
C GLU A 565 26.80 12.75 63.95
N GLY A 566 27.20 14.01 63.85
CA GLY A 566 28.30 14.54 64.63
C GLY A 566 29.67 14.29 64.03
N ASN A 567 29.76 13.56 62.93
CA ASN A 567 31.04 13.30 62.27
C ASN A 567 31.24 14.27 61.11
N PRO A 568 32.29 15.10 61.14
CA PRO A 568 32.49 16.06 60.06
C PRO A 568 32.79 15.36 58.74
N VAL A 569 32.07 15.74 57.70
CA VAL A 569 32.20 15.13 56.38
C VAL A 569 32.32 16.22 55.33
N SER A 570 33.02 15.90 54.24
CA SER A 570 33.15 16.80 53.11
C SER A 570 31.88 16.76 52.28
N CYS A 571 31.29 17.92 52.01
CA CYS A 571 30.02 17.99 51.31
C CYS A 571 30.05 19.09 50.26
N ILE A 572 29.27 18.88 49.20
CA ILE A 572 29.06 19.88 48.17
C ILE A 572 27.57 19.93 47.85
N ASN A 573 27.14 21.07 47.32
CA ASN A 573 25.72 21.34 47.11
C ASN A 573 25.27 20.83 45.74
N LEU A 574 24.10 20.19 45.72
CA LEU A 574 23.50 19.68 44.50
C LEU A 574 22.09 20.25 44.36
N SER A 575 21.87 21.01 43.29
CA SER A 575 20.61 21.70 43.06
C SER A 575 20.13 21.46 41.63
N PHE A 576 18.85 21.16 41.50
CA PHE A 576 18.24 20.91 40.20
C PHE A 576 16.97 21.73 40.07
N CYS A 577 16.74 22.24 38.87
CA CYS A 577 15.57 23.04 38.55
C CYS A 577 14.82 22.43 37.37
N LEU A 578 13.52 22.62 37.35
CA LEU A 578 12.64 22.04 36.34
C LEU A 578 11.71 23.12 35.82
N ASN A 579 11.59 23.23 34.50
CA ASN A 579 10.63 24.14 33.89
C ASN A 579 9.86 23.38 32.81
N ALA A 580 8.54 23.51 32.85
CA ALA A 580 7.64 22.82 31.93
C ALA A 580 6.60 23.81 31.40
N SER A 581 6.17 23.61 30.15
CA SER A 581 5.16 24.45 29.54
C SER A 581 4.42 23.66 28.47
N GLY A 582 3.10 23.84 28.43
CA GLY A 582 2.27 23.11 27.50
C GLY A 582 0.87 23.67 27.32
N LYS A 583 0.40 23.73 26.08
CA LYS A 583 -0.86 24.37 25.75
C LYS A 583 -2.03 23.44 26.05
N HIS A 584 -3.12 24.02 26.55
CA HIS A 584 -4.34 23.28 26.88
C HIS A 584 -4.09 22.20 27.92
N VAL A 585 -3.18 22.45 28.85
CA VAL A 585 -2.84 21.49 29.90
C VAL A 585 -3.31 22.08 31.23
N PRO A 586 -3.71 21.25 32.19
CA PRO A 586 -4.05 21.79 33.51
C PRO A 586 -2.89 22.56 34.12
N ASN A 587 -3.23 23.60 34.88
CA ASN A 587 -2.22 24.55 35.35
C ASN A 587 -1.14 23.90 36.21
N SER A 588 -1.43 22.75 36.83
CA SER A 588 -0.47 22.04 37.65
C SER A 588 -0.18 20.68 37.02
N ILE A 589 1.09 20.39 36.81
CA ILE A 589 1.51 19.12 36.19
C ILE A 589 2.48 18.43 37.14
N GLY A 590 2.25 17.14 37.37
CA GLY A 590 3.10 16.38 38.28
C GLY A 590 4.21 15.68 37.53
N PHE A 591 5.44 15.80 38.04
CA PHE A 591 6.61 15.15 37.48
C PHE A 591 7.17 14.16 38.49
N GLU A 592 7.83 13.12 37.97
CA GLU A 592 8.60 12.20 38.80
C GLU A 592 10.07 12.42 38.50
N VAL A 593 10.84 12.79 39.52
CA VAL A 593 12.23 13.14 39.39
C VAL A 593 13.06 12.15 40.20
N GLU A 594 14.00 11.48 39.55
CA GLU A 594 14.84 10.48 40.19
C GLU A 594 16.29 10.91 40.10
N LEU A 595 16.95 10.99 41.24
CA LEU A 595 18.35 11.38 41.32
C LEU A 595 19.20 10.16 41.67
N GLN A 596 20.26 9.94 40.91
CA GLN A 596 21.16 8.81 41.12
C GLN A 596 22.59 9.33 41.26
N LEU A 597 23.32 8.77 42.22
CA LEU A 597 24.70 9.15 42.48
C LEU A 597 25.65 8.03 42.07
N ASP A 598 26.77 8.40 41.44
CA ASP A 598 27.82 7.46 41.07
C ASP A 598 27.23 6.27 40.31
N TRP A 599 26.29 6.58 39.41
CA TRP A 599 25.46 5.54 38.80
C TRP A 599 26.28 4.62 37.90
N GLN A 600 27.41 5.08 37.38
CA GLN A 600 28.20 4.24 36.49
C GLN A 600 28.95 3.15 37.23
N LYS A 601 28.98 3.17 38.57
CA LYS A 601 29.57 2.08 39.31
C LYS A 601 28.76 0.81 39.11
N GLN A 602 29.45 -0.32 38.98
CA GLN A 602 28.78 -1.59 38.74
C GLN A 602 27.94 -1.99 39.94
N LYS A 603 26.90 -2.77 39.67
CA LYS A 603 26.02 -3.27 40.73
C LYS A 603 26.82 -4.05 41.77
N GLY A 604 26.79 -3.58 43.01
CA GLY A 604 27.63 -4.11 44.06
C GLY A 604 28.84 -3.27 44.38
N GLY A 605 29.20 -2.33 43.50
CA GLY A 605 30.30 -1.44 43.79
C GLY A 605 29.94 -0.41 44.84
N VAL A 606 30.97 0.11 45.51
CA VAL A 606 30.74 1.06 46.60
C VAL A 606 30.44 2.43 46.01
N ARG A 607 29.24 2.95 46.30
CA ARG A 607 28.89 4.30 45.90
C ARG A 607 29.69 5.30 46.74
N ARG A 608 30.49 6.13 46.07
CA ARG A 608 31.37 7.03 46.79
C ARG A 608 30.61 8.22 47.39
N ALA A 609 29.49 8.62 46.79
CA ALA A 609 28.70 9.73 47.26
C ALA A 609 27.33 9.26 47.70
N LEU A 610 26.85 9.82 48.81
CA LEU A 610 25.55 9.47 49.37
C LEU A 610 24.81 10.75 49.76
N PHE A 611 23.49 10.66 49.82
CA PHE A 611 22.70 11.79 50.28
C PHE A 611 22.95 12.05 51.76
N LEU A 612 23.11 13.33 52.11
CA LEU A 612 23.28 13.69 53.51
C LEU A 612 22.02 13.38 54.32
N ALA A 613 20.86 13.69 53.77
CA ALA A 613 19.61 13.49 54.50
C ALA A 613 19.24 12.01 54.59
N SER A 614 19.33 11.29 53.47
CA SER A 614 18.81 9.93 53.40
C SER A 614 19.88 8.86 53.56
N LYS A 615 21.16 9.22 53.49
CA LYS A 615 22.26 8.27 53.60
C LYS A 615 22.19 7.16 52.57
N GLN A 616 21.56 7.43 51.43
CA GLN A 616 21.42 6.47 50.35
C GLN A 616 22.08 7.01 49.09
N ALA A 617 21.88 6.30 47.99
CA ALA A 617 22.46 6.70 46.71
C ALA A 617 21.44 7.19 45.70
N THR A 618 20.14 6.97 45.95
CA THR A 618 19.08 7.34 45.03
C THR A 618 17.95 8.04 45.78
N LEU A 619 17.32 9.01 45.13
CA LEU A 619 16.22 9.77 45.70
C LEU A 619 15.10 9.90 44.67
N THR A 620 13.89 9.54 45.05
CA THR A 620 12.71 9.71 44.20
C THR A 620 11.76 10.69 44.86
N GLN A 621 11.08 11.50 44.04
CA GLN A 621 10.24 12.56 44.57
C GLN A 621 9.20 12.94 43.52
N THR A 622 8.00 13.26 43.99
CA THR A 622 6.94 13.78 43.14
C THR A 622 6.90 15.30 43.24
N LEU A 623 6.95 15.96 42.08
CA LEU A 623 6.97 17.42 42.02
C LEU A 623 5.79 17.92 41.20
N LEU A 624 5.21 19.02 41.66
CA LEU A 624 4.12 19.69 40.97
C LEU A 624 4.65 21.02 40.43
N ILE A 625 4.68 21.15 39.10
CA ILE A 625 5.22 22.34 38.44
C ILE A 625 4.06 23.08 37.79
N GLN A 626 3.99 24.39 38.03
CA GLN A 626 2.94 25.22 37.45
C GLN A 626 3.19 25.42 35.96
N ASN A 627 2.13 25.28 35.17
CA ASN A 627 2.25 25.39 33.72
C ASN A 627 2.66 26.80 33.32
N GLY A 628 3.78 26.92 32.62
CA GLY A 628 4.24 28.20 32.15
C GLY A 628 4.86 29.08 33.21
N ALA A 629 5.02 28.59 34.43
CA ALA A 629 5.62 29.37 35.49
C ALA A 629 7.14 29.26 35.43
N ARG A 630 7.80 29.99 36.33
CA ARG A 630 9.25 29.93 36.40
C ARG A 630 9.71 28.59 36.95
N GLU A 631 10.99 28.29 36.75
CA GLU A 631 11.53 27.00 37.14
C GLU A 631 11.46 26.82 38.66
N ASP A 632 11.14 25.61 39.08
CA ASP A 632 11.15 25.25 40.49
C ASP A 632 12.46 24.52 40.80
N CYS A 633 13.18 25.02 41.79
CA CYS A 633 14.50 24.49 42.13
C CYS A 633 14.46 23.83 43.50
N ARG A 634 15.12 22.68 43.61
CA ARG A 634 15.32 22.01 44.88
C ARG A 634 16.82 21.94 45.14
N GLU A 635 17.25 22.48 46.27
CA GLU A 635 18.65 22.47 46.67
C GLU A 635 18.89 21.37 47.69
N MET A 636 19.97 20.63 47.50
CA MET A 636 20.33 19.56 48.41
C MET A 636 21.83 19.55 48.59
N LYS A 637 22.27 18.97 49.71
CA LYS A 637 23.67 18.79 50.02
C LYS A 637 24.04 17.34 49.87
N ILE A 638 25.22 17.08 49.29
CA ILE A 638 25.70 15.74 49.04
C ILE A 638 27.07 15.62 49.69
N TYR A 639 27.39 14.44 50.22
CA TYR A 639 28.63 14.23 50.96
C TYR A 639 29.37 13.01 50.44
N LEU A 640 30.70 13.09 50.45
CA LEU A 640 31.56 11.99 50.05
C LEU A 640 31.88 11.11 51.27
N ARG A 641 31.98 9.81 51.03
CA ARG A 641 32.26 8.88 52.12
C ARG A 641 33.73 8.98 52.54
N ASN A 642 34.06 8.24 53.59
CA ASN A 642 35.42 8.23 54.11
C ASN A 642 36.37 7.61 53.09
N GLU A 643 37.62 8.07 53.11
CA GLU A 643 38.62 7.56 52.17
C GLU A 643 38.92 6.08 52.38
N SER A 644 38.70 5.56 53.59
CA SER A 644 38.93 4.15 53.84
C SER A 644 37.88 3.27 53.17
N GLU A 645 36.71 3.81 52.86
CA GLU A 645 35.61 3.02 52.33
C GLU A 645 35.69 2.79 50.83
N PHE A 646 36.57 3.50 50.12
CA PHE A 646 36.72 3.35 48.69
C PHE A 646 38.14 3.67 48.27
N ARG A 647 38.60 3.03 47.20
CA ARG A 647 39.97 3.24 46.73
C ARG A 647 40.03 4.17 45.52
N ASP A 648 38.90 4.48 44.90
CA ASP A 648 38.89 5.18 43.62
C ASP A 648 38.71 6.67 43.86
N LYS A 649 39.80 7.42 43.70
CA LYS A 649 39.77 8.88 43.74
C LYS A 649 39.88 9.52 42.36
N LEU A 650 40.09 8.73 41.31
CA LEU A 650 40.33 9.26 39.98
C LEU A 650 39.05 9.40 39.16
N SER A 651 38.21 8.37 39.14
CA SER A 651 37.00 8.43 38.33
C SER A 651 36.03 9.45 38.93
N PRO A 652 35.49 10.34 38.11
CA PRO A 652 34.55 11.34 38.63
C PRO A 652 33.26 10.69 39.12
N ILE A 653 32.62 11.33 40.09
CA ILE A 653 31.37 10.84 40.65
C ILE A 653 30.25 11.38 39.77
N HIS A 654 29.70 10.50 38.93
CA HIS A 654 28.65 10.92 38.00
C HIS A 654 27.33 11.06 38.73
N ILE A 655 26.61 12.15 38.44
CA ILE A 655 25.28 12.40 38.98
C ILE A 655 24.32 12.49 37.81
N ALA A 656 23.24 11.71 37.87
CA ALA A 656 22.28 11.64 36.79
C ALA A 656 20.93 12.15 37.25
N LEU A 657 20.27 12.91 36.38
CA LEU A 657 18.95 13.46 36.66
C LEU A 657 17.99 12.96 35.60
N ASN A 658 17.02 12.15 36.01
CA ASN A 658 16.02 11.60 35.11
C ASN A 658 14.67 12.16 35.50
N PHE A 659 13.79 12.34 34.51
CA PHE A 659 12.43 12.76 34.82
C PHE A 659 11.48 12.31 33.72
N SER A 660 10.26 11.98 34.14
CA SER A 660 9.18 11.59 33.25
C SER A 660 7.88 11.92 33.94
N LEU A 661 6.79 11.90 33.16
CA LEU A 661 5.50 12.27 33.71
C LEU A 661 5.06 11.27 34.77
N ASP A 662 4.34 11.76 35.78
CA ASP A 662 3.86 10.90 36.85
C ASP A 662 2.78 9.97 36.35
N PRO A 663 3.00 8.65 36.42
CA PRO A 663 2.00 7.70 35.92
C PRO A 663 0.71 7.67 36.70
N LYS A 664 0.71 8.16 37.94
CA LYS A 664 -0.49 8.17 38.77
C LYS A 664 -1.32 9.43 38.63
N ALA A 665 -0.91 10.36 37.77
CA ALA A 665 -1.67 11.57 37.57
C ALA A 665 -3.02 11.24 36.95
N PRO A 666 -4.11 11.85 37.42
CA PRO A 666 -5.42 11.58 36.83
C PRO A 666 -5.49 12.08 35.39
N MET A 667 -6.30 11.39 34.59
CA MET A 667 -6.51 11.81 33.22
C MET A 667 -7.30 13.12 33.18
N ASP A 668 -7.26 13.78 32.03
CA ASP A 668 -8.00 15.03 31.85
C ASP A 668 -9.49 14.74 31.76
N SER A 669 -10.26 15.81 31.51
CA SER A 669 -11.71 15.65 31.36
C SER A 669 -12.08 14.74 30.20
N HIS A 670 -11.16 14.53 29.27
CA HIS A 670 -11.40 13.67 28.12
C HIS A 670 -10.74 12.30 28.27
N GLY A 671 -10.16 12.03 29.44
CA GLY A 671 -9.50 10.75 29.67
C GLY A 671 -8.14 10.58 29.03
N LEU A 672 -7.38 11.66 28.85
CA LEU A 672 -6.09 11.58 28.18
C LEU A 672 -4.96 11.79 29.17
N ARG A 673 -3.83 11.11 28.93
CA ARG A 673 -2.63 11.32 29.73
C ARG A 673 -1.59 12.08 28.91
N PRO A 674 -1.04 13.17 29.45
CA PRO A 674 -0.11 13.98 28.65
C PRO A 674 1.17 13.24 28.34
N VAL A 675 1.84 13.70 27.28
CA VAL A 675 3.05 13.07 26.77
C VAL A 675 4.18 14.08 26.86
N LEU A 676 5.38 13.56 27.13
CA LEU A 676 6.55 14.41 27.13
C LEU A 676 7.07 14.56 25.71
N HIS A 677 7.43 15.79 25.35
CA HIS A 677 7.86 16.10 23.99
C HIS A 677 9.08 15.26 23.61
N TYR A 678 9.13 14.86 22.34
CA TYR A 678 10.21 13.97 21.91
C TYR A 678 11.57 14.66 21.96
N GLN A 679 11.61 15.99 21.91
CA GLN A 679 12.87 16.71 22.07
C GLN A 679 13.25 16.96 23.51
N SER A 680 12.37 16.65 24.47
CA SER A 680 12.67 16.87 25.87
C SER A 680 13.69 15.85 26.35
N LYS A 681 14.86 16.31 26.77
CA LYS A 681 15.89 15.42 27.26
C LYS A 681 15.56 14.91 28.66
N SER A 682 14.95 13.74 28.74
CA SER A 682 14.51 13.22 30.03
C SER A 682 15.65 12.88 30.95
N ARG A 683 16.88 12.79 30.44
CA ARG A 683 18.03 12.38 31.23
C ARG A 683 19.12 13.43 31.12
N ILE A 684 19.43 14.07 32.26
CA ILE A 684 20.51 15.04 32.37
C ILE A 684 21.53 14.44 33.33
N GLU A 685 22.80 14.47 32.92
CA GLU A 685 23.89 13.89 33.70
C GLU A 685 24.93 14.95 34.05
N ASP A 686 25.42 14.89 35.28
CA ASP A 686 26.49 15.78 35.72
C ASP A 686 27.44 14.98 36.61
N LYS A 687 28.62 15.54 36.84
CA LYS A 687 29.64 14.83 37.58
C LYS A 687 30.34 15.75 38.56
N ALA A 688 30.70 15.21 39.71
CA ALA A 688 31.52 15.90 40.69
C ALA A 688 32.76 15.07 40.97
N GLN A 689 33.88 15.75 41.13
CA GLN A 689 35.18 15.09 41.26
C GLN A 689 35.63 15.10 42.71
N ILE A 690 36.83 14.59 42.92
CA ILE A 690 37.52 14.64 44.21
C ILE A 690 38.88 15.28 44.00
N LEU A 691 39.18 16.30 44.79
CA LEU A 691 40.45 17.00 44.63
C LEU A 691 41.65 16.10 44.94
N ASN B 25 40.55 -0.50 10.98
CA ASN B 25 39.88 -1.40 10.07
C ASN B 25 38.44 -1.68 10.52
N ARG B 26 37.56 -1.92 9.55
CA ARG B 26 36.15 -2.16 9.89
C ARG B 26 35.97 -3.42 10.70
N CYS B 27 36.72 -4.47 10.38
CA CYS B 27 36.64 -5.71 11.16
C CYS B 27 37.04 -5.45 12.61
N LEU B 28 38.05 -4.60 12.82
CA LEU B 28 38.36 -4.14 14.17
C LEU B 28 37.20 -3.36 14.75
N LYS B 29 36.57 -2.51 13.94
CA LYS B 29 35.40 -1.74 14.40
C LYS B 29 34.18 -2.62 14.59
N ALA B 30 34.19 -3.85 14.06
CA ALA B 30 33.03 -4.72 14.19
C ALA B 30 32.78 -5.11 15.64
N ASN B 31 33.85 -5.18 16.44
CA ASN B 31 33.77 -5.65 17.82
C ASN B 31 33.19 -7.06 17.88
N ALA B 32 33.89 -7.99 17.26
CA ALA B 32 33.41 -9.36 17.14
C ALA B 32 33.57 -10.09 18.47
N LYS B 33 32.58 -10.91 18.81
CA LYS B 33 32.74 -11.84 19.92
C LYS B 33 32.90 -13.27 19.41
N SER B 34 31.99 -13.72 18.54
CA SER B 34 32.05 -15.02 17.91
C SER B 34 32.46 -14.87 16.45
N CYS B 35 32.82 -16.01 15.84
CA CYS B 35 33.12 -16.02 14.41
C CYS B 35 31.98 -15.44 13.59
N GLY B 36 30.74 -15.55 14.07
CA GLY B 36 29.60 -15.02 13.34
C GLY B 36 29.76 -13.56 12.99
N GLU B 37 29.72 -12.68 13.98
CA GLU B 37 29.77 -11.25 13.70
C GLU B 37 31.15 -10.79 13.23
N CYS B 38 32.06 -11.72 12.95
CA CYS B 38 33.25 -11.43 12.16
C CYS B 38 33.11 -11.85 10.71
N ILE B 39 32.35 -12.90 10.42
CA ILE B 39 32.05 -13.25 9.03
C ILE B 39 31.01 -12.29 8.45
N GLN B 40 29.94 -12.07 9.21
CA GLN B 40 28.89 -11.15 8.78
C GLN B 40 29.40 -9.72 8.63
N ALA B 41 30.44 -9.36 9.39
CA ALA B 41 30.94 -8.00 9.36
C ALA B 41 31.47 -7.62 7.98
N GLY B 42 32.24 -8.51 7.36
CA GLY B 42 32.86 -8.20 6.08
C GLY B 42 33.52 -9.39 5.42
N PRO B 43 33.84 -9.24 4.13
CA PRO B 43 34.44 -10.35 3.38
C PRO B 43 35.85 -10.69 3.82
N ASN B 44 36.72 -9.68 3.93
CA ASN B 44 38.13 -9.96 4.21
C ASN B 44 38.37 -10.25 5.68
N CYS B 45 37.38 -10.00 6.54
CA CYS B 45 37.55 -10.20 7.97
C CYS B 45 37.81 -11.67 8.28
N GLY B 46 38.75 -11.92 9.19
CA GLY B 46 39.13 -13.29 9.51
C GLY B 46 39.50 -13.54 10.95
N TRP B 47 39.36 -14.80 11.39
CA TRP B 47 39.66 -15.19 12.76
C TRP B 47 41.06 -15.78 12.85
N CYS B 48 41.43 -16.20 14.06
CA CYS B 48 42.70 -16.88 14.30
C CYS B 48 42.49 -17.92 15.39
N THR B 49 42.74 -19.18 15.06
CA THR B 49 42.51 -20.26 16.02
C THR B 49 43.61 -20.30 17.09
N ASN B 50 44.78 -19.75 16.78
CA ASN B 50 45.87 -19.75 17.76
C ASN B 50 45.54 -18.83 18.93
N THR B 51 45.14 -17.59 18.64
CA THR B 51 44.74 -16.62 19.67
C THR B 51 45.86 -16.37 20.68
N THR B 52 47.10 -16.55 20.23
CA THR B 52 48.26 -16.18 21.02
C THR B 52 48.79 -14.80 20.69
N PHE B 53 48.54 -14.32 19.46
CA PHE B 53 48.81 -12.92 19.16
C PHE B 53 47.94 -11.99 20.01
N LEU B 54 46.68 -12.35 20.17
CA LEU B 54 45.75 -11.51 20.91
C LEU B 54 46.25 -11.26 22.33
N GLN B 55 46.27 -10.00 22.73
CA GLN B 55 46.62 -9.64 24.09
C GLN B 55 45.46 -9.94 25.03
N GLU B 56 45.81 -10.28 26.27
CA GLU B 56 44.79 -10.63 27.26
C GLU B 56 43.85 -9.46 27.53
N GLY B 57 44.40 -8.25 27.64
CA GLY B 57 43.56 -7.09 27.88
C GLY B 57 42.64 -6.76 26.72
N MET B 58 43.18 -6.79 25.50
CA MET B 58 42.38 -6.44 24.33
C MET B 58 41.21 -7.41 24.18
N PRO B 59 40.04 -6.90 23.81
CA PRO B 59 38.85 -7.73 23.77
C PRO B 59 38.88 -8.69 22.58
N THR B 60 37.79 -9.41 22.42
CA THR B 60 37.66 -10.38 21.34
C THR B 60 37.66 -9.70 19.98
N SER B 61 37.51 -8.38 19.93
CA SER B 61 37.44 -7.66 18.67
C SER B 61 38.74 -7.80 17.87
N ALA B 62 39.89 -7.75 18.54
CA ALA B 62 41.17 -7.57 17.87
C ALA B 62 41.55 -8.73 16.96
N ARG B 63 40.98 -9.92 17.15
CA ARG B 63 41.30 -11.03 16.27
C ARG B 63 40.80 -10.78 14.85
N CYS B 64 39.59 -10.24 14.73
CA CYS B 64 38.94 -10.12 13.43
C CYS B 64 39.52 -8.95 12.66
N ASP B 65 40.16 -9.24 11.54
CA ASP B 65 40.79 -8.21 10.72
C ASP B 65 41.13 -8.80 9.35
N ASP B 66 41.76 -7.98 8.51
CA ASP B 66 41.98 -8.32 7.11
C ASP B 66 43.00 -9.44 6.98
N LEU B 67 42.97 -10.13 5.83
CA LEU B 67 43.91 -11.21 5.57
C LEU B 67 45.35 -10.74 5.70
N GLU B 68 45.70 -9.65 5.02
CA GLU B 68 47.08 -9.17 5.03
C GLU B 68 47.51 -8.76 6.44
N ALA B 69 46.61 -8.12 7.18
CA ALA B 69 46.94 -7.72 8.55
C ALA B 69 47.23 -8.92 9.42
N LEU B 70 46.54 -10.04 9.21
CA LEU B 70 46.82 -11.23 10.00
C LEU B 70 48.23 -11.75 9.72
N LYS B 71 48.61 -11.82 8.45
CA LYS B 71 49.94 -12.35 8.14
C LYS B 71 51.02 -11.39 8.58
N LYS B 72 50.71 -10.09 8.61
CA LYS B 72 51.64 -9.13 9.18
C LYS B 72 51.83 -9.37 10.68
N LYS B 73 50.73 -9.63 11.39
CA LYS B 73 50.82 -9.77 12.85
C LYS B 73 51.47 -11.08 13.25
N GLY B 74 51.62 -12.02 12.31
CA GLY B 74 52.29 -13.27 12.60
C GLY B 74 51.39 -14.47 12.85
N CYS B 75 50.09 -14.35 12.60
CA CYS B 75 49.19 -15.49 12.75
C CYS B 75 49.41 -16.50 11.61
N HIS B 76 49.35 -17.79 11.95
CA HIS B 76 49.69 -18.83 10.99
C HIS B 76 48.58 -18.98 9.93
N PRO B 77 48.94 -19.42 8.70
CA PRO B 77 47.95 -19.52 7.62
C PRO B 77 46.83 -20.52 7.86
N SER B 78 47.13 -21.65 8.48
CA SER B 78 46.05 -22.57 8.81
C SER B 78 45.17 -22.03 9.93
N ASP B 79 45.73 -21.18 10.79
CA ASP B 79 44.99 -20.70 11.95
C ASP B 79 43.96 -19.65 11.58
N ILE B 80 44.15 -18.97 10.45
CA ILE B 80 43.12 -18.11 9.92
C ILE B 80 42.05 -18.96 9.22
N GLU B 81 40.80 -18.54 9.39
CA GLU B 81 39.65 -19.17 8.77
C GLU B 81 38.97 -18.15 7.89
N ASN B 82 39.22 -18.24 6.58
CA ASN B 82 38.54 -17.39 5.59
C ASN B 82 38.02 -18.30 4.49
N PRO B 83 36.93 -19.02 4.74
CA PRO B 83 36.30 -19.79 3.66
C PRO B 83 35.80 -18.89 2.55
N ARG B 84 35.98 -19.34 1.31
CA ARG B 84 35.56 -18.62 0.12
C ARG B 84 34.56 -19.47 -0.63
N GLY B 85 33.51 -18.84 -1.14
CA GLY B 85 32.45 -19.58 -1.79
C GLY B 85 32.87 -20.12 -3.14
N SER B 86 32.12 -21.11 -3.61
CA SER B 86 32.37 -21.75 -4.90
C SER B 86 31.05 -22.26 -5.47
N GLN B 87 31.08 -22.59 -6.76
CA GLN B 87 29.88 -23.04 -7.45
C GLN B 87 30.03 -24.53 -7.80
N THR B 88 28.97 -25.29 -7.55
CA THR B 88 28.93 -26.71 -7.87
C THR B 88 27.58 -27.04 -8.52
N ILE B 89 27.63 -27.62 -9.71
CA ILE B 89 26.43 -27.91 -10.48
C ILE B 89 26.03 -29.36 -10.26
N LYS B 90 25.05 -29.59 -9.40
CA LYS B 90 24.62 -30.96 -9.10
C LYS B 90 23.93 -31.60 -10.31
N LYS B 91 22.96 -30.89 -10.90
CA LYS B 91 22.15 -31.43 -11.98
C LYS B 91 22.54 -30.76 -13.29
N ASN B 92 23.00 -31.56 -14.25
CA ASN B 92 23.34 -31.07 -15.59
C ASN B 92 22.79 -32.07 -16.61
N LYS B 93 22.02 -31.56 -17.56
CA LYS B 93 21.45 -32.38 -18.63
C LYS B 93 22.10 -32.00 -19.95
N ASN B 94 22.39 -33.01 -20.78
CA ASN B 94 22.84 -32.75 -22.14
C ASN B 94 21.69 -32.14 -22.94
N VAL B 95 21.93 -30.97 -23.53
CA VAL B 95 20.87 -30.28 -24.25
C VAL B 95 20.56 -31.02 -25.54
N THR B 96 19.28 -31.00 -25.93
CA THR B 96 18.85 -31.76 -27.09
C THR B 96 19.41 -31.19 -28.39
N ASN B 97 20.08 -32.04 -29.16
CA ASN B 97 20.65 -31.66 -30.45
C ASN B 97 20.35 -32.71 -31.52
N ARG B 98 19.29 -33.48 -31.34
CA ARG B 98 19.01 -34.60 -32.23
C ARG B 98 18.68 -34.12 -33.64
N SER B 99 19.25 -34.79 -34.63
CA SER B 99 19.03 -34.42 -36.02
C SER B 99 17.62 -34.81 -36.47
N LYS B 100 17.06 -34.00 -37.36
CA LYS B 100 15.73 -34.26 -37.91
C LYS B 100 15.65 -33.65 -39.30
N GLY B 101 14.74 -34.20 -40.12
CA GLY B 101 14.56 -33.72 -41.46
C GLY B 101 15.64 -34.18 -42.42
N MET B 102 16.88 -33.76 -42.16
CA MET B 102 17.99 -34.18 -43.00
C MET B 102 18.23 -35.69 -42.91
N ALA B 103 18.10 -36.25 -41.71
CA ALA B 103 18.29 -37.68 -41.49
C ALA B 103 17.10 -38.24 -40.74
N GLU B 104 16.84 -39.53 -40.95
CA GLU B 104 15.72 -40.19 -40.31
C GLU B 104 15.99 -40.37 -38.82
N LYS B 105 15.03 -39.96 -37.99
CA LYS B 105 15.17 -40.06 -36.54
C LYS B 105 13.78 -39.97 -35.92
N LEU B 106 13.67 -40.45 -34.69
CA LEU B 106 12.42 -40.37 -33.96
C LEU B 106 12.16 -38.94 -33.52
N ARG B 107 11.00 -38.40 -33.89
CA ARG B 107 10.67 -37.01 -33.63
C ARG B 107 10.23 -36.77 -32.18
N PRO B 108 9.24 -37.52 -31.63
CA PRO B 108 8.77 -37.21 -30.28
C PRO B 108 9.87 -37.38 -29.23
N GLU B 109 9.83 -36.53 -28.23
CA GLU B 109 10.83 -36.51 -27.16
C GLU B 109 10.31 -35.65 -26.02
N ASP B 110 11.18 -35.40 -25.05
CA ASP B 110 10.91 -34.49 -23.94
C ASP B 110 11.71 -33.20 -24.11
N ILE B 111 11.66 -32.35 -23.10
CA ILE B 111 12.09 -30.95 -23.21
C ILE B 111 13.35 -30.73 -22.40
N THR B 112 14.28 -29.95 -22.96
CA THR B 112 15.49 -29.52 -22.23
C THR B 112 16.06 -28.32 -22.97
N GLN B 113 16.10 -27.16 -22.31
CA GLN B 113 16.51 -25.92 -22.95
C GLN B 113 17.60 -25.20 -22.17
N ILE B 114 17.58 -25.35 -20.84
CA ILE B 114 18.56 -24.72 -19.96
C ILE B 114 19.45 -25.82 -19.41
N GLN B 115 20.78 -25.64 -19.52
CA GLN B 115 21.68 -26.73 -19.19
C GLN B 115 21.86 -26.90 -17.69
N PRO B 116 22.24 -25.88 -16.91
CA PRO B 116 22.27 -26.07 -15.46
C PRO B 116 20.88 -25.97 -14.86
N GLN B 117 20.39 -27.04 -14.25
CA GLN B 117 19.05 -27.00 -13.66
C GLN B 117 19.08 -26.86 -12.14
N GLN B 118 20.02 -27.53 -11.49
CA GLN B 118 20.14 -27.44 -10.03
C GLN B 118 21.63 -27.40 -9.68
N LEU B 119 22.05 -26.32 -9.04
CA LEU B 119 23.44 -26.14 -8.68
C LEU B 119 23.53 -25.51 -7.30
N LEU B 120 24.61 -25.82 -6.59
CA LEU B 120 24.83 -25.32 -5.25
C LEU B 120 26.00 -24.35 -5.23
N LEU B 121 25.78 -23.17 -4.66
CA LEU B 121 26.82 -22.18 -4.49
C LEU B 121 26.78 -21.66 -3.06
N LYS B 122 27.92 -21.76 -2.38
CA LYS B 122 28.07 -21.26 -1.01
C LYS B 122 28.53 -19.82 -1.08
N LEU B 123 28.01 -18.99 -0.18
CA LEU B 123 28.18 -17.55 -0.25
C LEU B 123 28.91 -17.01 0.98
N ARG B 124 29.65 -15.92 0.78
CA ARG B 124 30.17 -15.08 1.85
C ARG B 124 29.63 -13.67 1.74
N SER B 125 29.39 -13.04 2.89
CA SER B 125 28.97 -11.65 2.93
C SER B 125 30.00 -10.76 2.25
N GLY B 126 29.60 -10.14 1.15
CA GLY B 126 30.50 -9.35 0.35
C GLY B 126 31.23 -10.10 -0.75
N GLU B 127 31.05 -11.41 -0.85
CA GLU B 127 31.66 -12.18 -1.93
C GLU B 127 30.79 -12.13 -3.18
N PRO B 128 31.29 -11.63 -4.29
CA PRO B 128 30.52 -11.67 -5.55
C PRO B 128 30.64 -13.01 -6.27
N GLN B 129 29.89 -14.00 -5.79
CA GLN B 129 29.86 -15.30 -6.44
C GLN B 129 29.28 -15.18 -7.84
N LYS B 130 29.85 -15.94 -8.78
CA LYS B 130 29.52 -15.79 -10.19
C LYS B 130 29.37 -17.17 -10.81
N PHE B 131 28.36 -17.34 -11.65
CA PHE B 131 28.23 -18.55 -12.46
C PHE B 131 27.65 -18.19 -13.82
N THR B 132 27.64 -19.17 -14.72
CA THR B 132 27.16 -18.99 -16.07
C THR B 132 26.10 -20.04 -16.39
N LEU B 133 25.14 -19.65 -17.23
CA LEU B 133 24.10 -20.55 -17.69
C LEU B 133 23.86 -20.32 -19.18
N LYS B 134 23.39 -21.34 -19.86
CA LYS B 134 23.19 -21.29 -21.31
C LYS B 134 21.81 -21.81 -21.66
N PHE B 135 21.26 -21.30 -22.76
CA PHE B 135 19.91 -21.66 -23.18
C PHE B 135 19.75 -21.48 -24.67
N LYS B 136 19.00 -22.38 -25.30
CA LYS B 136 18.60 -22.23 -26.70
C LYS B 136 17.17 -22.70 -26.86
N ARG B 137 16.41 -21.98 -27.67
CA ARG B 137 15.01 -22.32 -27.89
C ARG B 137 14.92 -23.60 -28.71
N ALA B 138 14.39 -24.65 -28.11
CA ALA B 138 14.31 -25.94 -28.79
C ALA B 138 13.28 -25.88 -29.91
N GLU B 139 13.68 -26.37 -31.08
CA GLU B 139 12.76 -26.42 -32.21
C GLU B 139 11.69 -27.48 -31.96
N ASP B 140 10.59 -27.34 -32.70
CA ASP B 140 9.48 -28.29 -32.65
C ASP B 140 8.90 -28.43 -31.25
N TYR B 141 8.93 -27.35 -30.47
CA TYR B 141 8.39 -27.37 -29.12
C TYR B 141 6.87 -27.18 -29.17
N PRO B 142 6.08 -28.14 -28.71
CA PRO B 142 4.62 -28.00 -28.81
C PRO B 142 4.12 -26.80 -28.03
N ILE B 143 3.01 -26.25 -28.49
CA ILE B 143 2.46 -25.02 -27.92
C ILE B 143 0.97 -25.23 -27.65
N ASP B 144 0.41 -24.36 -26.82
CA ASP B 144 -1.02 -24.29 -26.60
C ASP B 144 -1.50 -22.89 -26.93
N LEU B 145 -2.61 -22.79 -27.64
CA LEU B 145 -3.21 -21.53 -28.01
C LEU B 145 -4.59 -21.42 -27.38
N TYR B 146 -4.99 -20.21 -27.04
CA TYR B 146 -6.29 -19.97 -26.46
C TYR B 146 -6.84 -18.65 -26.99
N TYR B 147 -8.07 -18.68 -27.47
CA TYR B 147 -8.73 -17.49 -27.98
C TYR B 147 -9.67 -16.93 -26.93
N LEU B 148 -9.49 -15.65 -26.60
CA LEU B 148 -10.37 -14.91 -25.70
C LEU B 148 -10.86 -13.68 -26.44
N MET B 149 -12.11 -13.71 -26.88
CA MET B 149 -12.66 -12.62 -27.68
C MET B 149 -13.97 -12.16 -27.07
N ASP B 150 -14.27 -10.88 -27.22
CA ASP B 150 -15.48 -10.32 -26.63
C ASP B 150 -16.63 -10.46 -27.60
N LEU B 151 -17.66 -11.19 -27.20
CA LEU B 151 -18.83 -11.41 -28.03
C LEU B 151 -19.74 -10.18 -27.96
N SER B 152 -19.16 -9.04 -28.30
CA SER B 152 -19.86 -7.77 -28.34
C SER B 152 -20.40 -7.52 -29.75
N TYR B 153 -21.41 -6.65 -29.85
CA TYR B 153 -21.98 -6.34 -31.14
C TYR B 153 -21.00 -5.65 -32.08
N SER B 154 -19.93 -5.07 -31.55
CA SER B 154 -18.89 -4.54 -32.42
C SER B 154 -18.08 -5.64 -33.07
N MET B 155 -18.27 -6.90 -32.67
CA MET B 155 -17.59 -8.04 -33.25
C MET B 155 -18.51 -8.89 -34.11
N LYS B 156 -19.64 -8.33 -34.54
CA LYS B 156 -20.53 -9.08 -35.42
C LYS B 156 -19.86 -9.40 -36.75
N ASP B 157 -19.11 -8.45 -37.29
CA ASP B 157 -18.39 -8.67 -38.54
C ASP B 157 -17.13 -9.49 -38.37
N ASP B 158 -16.71 -9.74 -37.13
CA ASP B 158 -15.50 -10.52 -36.87
C ASP B 158 -15.80 -11.97 -36.49
N LEU B 159 -16.87 -12.21 -35.74
CA LEU B 159 -17.28 -13.58 -35.44
C LEU B 159 -17.70 -14.34 -36.69
N GLU B 160 -18.20 -13.65 -37.71
CA GLU B 160 -18.66 -14.33 -38.91
C GLU B 160 -17.51 -15.05 -39.60
N ASN B 161 -16.34 -14.44 -39.66
CA ASN B 161 -15.19 -15.05 -40.31
C ASN B 161 -14.25 -15.77 -39.35
N VAL B 162 -14.21 -15.39 -38.08
CA VAL B 162 -13.28 -16.04 -37.15
C VAL B 162 -13.61 -17.52 -37.01
N LYS B 163 -14.90 -17.85 -36.94
CA LYS B 163 -15.29 -19.26 -36.85
C LYS B 163 -14.86 -20.04 -38.08
N SER B 164 -14.84 -19.39 -39.26
CA SER B 164 -14.48 -20.11 -40.48
C SER B 164 -13.04 -20.58 -40.44
N LEU B 165 -12.13 -19.76 -39.94
CA LEU B 165 -10.71 -20.06 -39.98
C LEU B 165 -10.21 -20.73 -38.71
N GLY B 166 -11.07 -21.44 -37.99
CA GLY B 166 -10.59 -22.25 -36.89
C GLY B 166 -9.71 -23.40 -37.35
N THR B 167 -10.13 -24.09 -38.42
CA THR B 167 -9.32 -25.15 -38.99
C THR B 167 -8.17 -24.59 -39.82
N ASP B 168 -8.33 -23.39 -40.37
CA ASP B 168 -7.24 -22.79 -41.13
C ASP B 168 -6.03 -22.54 -40.24
N LEU B 169 -6.26 -22.14 -39.00
CA LEU B 169 -5.17 -22.04 -38.03
C LEU B 169 -4.51 -23.40 -37.81
N MET B 170 -5.33 -24.44 -37.68
CA MET B 170 -4.84 -25.80 -37.56
C MET B 170 -3.87 -26.13 -38.68
N ASN B 171 -4.24 -25.82 -39.92
CA ASN B 171 -3.37 -26.15 -41.06
C ASN B 171 -2.14 -25.25 -41.09
N GLU B 172 -2.33 -23.94 -40.92
CA GLU B 172 -1.24 -22.98 -41.11
C GLU B 172 -0.14 -23.12 -40.07
N MET B 173 -0.48 -23.34 -38.81
CA MET B 173 0.53 -23.42 -37.77
C MET B 173 1.25 -24.76 -37.74
N ARG B 174 1.14 -25.57 -38.79
CA ARG B 174 1.80 -26.86 -38.81
C ARG B 174 3.31 -26.71 -38.92
N ARG B 175 3.79 -25.57 -39.40
CA ARG B 175 5.24 -25.35 -39.49
C ARG B 175 5.86 -25.24 -38.11
N ILE B 176 5.16 -24.65 -37.16
CA ILE B 176 5.75 -24.34 -35.86
C ILE B 176 6.14 -25.63 -35.13
N THR B 177 5.21 -26.58 -35.06
CA THR B 177 5.44 -27.79 -34.29
C THR B 177 4.60 -28.93 -34.86
N SER B 178 4.91 -30.14 -34.41
CA SER B 178 4.20 -31.32 -34.89
C SER B 178 2.73 -31.28 -34.50
N ASP B 179 2.42 -30.88 -33.27
CA ASP B 179 1.04 -30.83 -32.80
C ASP B 179 0.88 -29.70 -31.80
N PHE B 180 -0.34 -29.17 -31.72
CA PHE B 180 -0.66 -28.13 -30.75
C PHE B 180 -2.19 -28.04 -30.62
N ARG B 181 -2.65 -27.73 -29.41
CA ARG B 181 -4.08 -27.67 -29.12
C ARG B 181 -4.52 -26.22 -28.99
N ILE B 182 -5.82 -26.00 -29.18
CA ILE B 182 -6.38 -24.65 -29.34
C ILE B 182 -7.83 -24.66 -28.86
N GLY B 183 -8.16 -23.68 -28.01
CA GLY B 183 -9.46 -23.60 -27.37
C GLY B 183 -10.04 -22.19 -27.45
N PHE B 184 -11.30 -22.05 -27.05
CA PHE B 184 -12.07 -20.83 -27.25
C PHE B 184 -12.73 -20.39 -25.96
N GLY B 185 -12.66 -19.08 -25.67
CA GLY B 185 -13.33 -18.52 -24.52
C GLY B 185 -13.91 -17.16 -24.85
N SER B 186 -15.07 -16.88 -24.27
CA SER B 186 -15.84 -15.70 -24.64
C SER B 186 -16.27 -14.94 -23.39
N PHE B 187 -16.40 -13.63 -23.52
CA PHE B 187 -16.77 -12.75 -22.42
C PHE B 187 -17.40 -11.48 -22.96
N VAL B 188 -18.27 -10.87 -22.16
CA VAL B 188 -18.70 -9.51 -22.44
C VAL B 188 -19.14 -8.78 -21.16
N GLU B 189 -18.44 -7.70 -20.84
CA GLU B 189 -18.82 -6.75 -19.78
C GLU B 189 -19.06 -7.50 -18.47
N LYS B 190 -20.04 -7.04 -17.69
CA LYS B 190 -20.35 -7.62 -16.38
C LYS B 190 -21.81 -7.36 -16.07
N THR B 191 -22.32 -8.06 -15.06
CA THR B 191 -23.71 -7.95 -14.63
C THR B 191 -23.88 -6.91 -13.52
N VAL B 192 -22.90 -6.03 -13.36
CA VAL B 192 -23.00 -4.96 -12.38
C VAL B 192 -23.91 -3.85 -12.92
N MET B 193 -24.55 -3.13 -12.00
CA MET B 193 -25.59 -2.18 -12.37
C MET B 193 -25.11 -1.10 -13.34
N PRO B 194 -23.99 -0.40 -13.09
CA PRO B 194 -23.66 0.72 -13.98
C PRO B 194 -23.25 0.32 -15.39
N TYR B 195 -22.66 -0.86 -15.57
CA TYR B 195 -22.02 -1.21 -16.84
C TYR B 195 -22.80 -2.23 -17.65
N ILE B 196 -24.11 -2.36 -17.45
CA ILE B 196 -24.82 -3.48 -18.06
C ILE B 196 -25.93 -3.02 -19.01
N SER B 197 -26.54 -1.86 -18.76
CA SER B 197 -27.72 -1.47 -19.51
C SER B 197 -27.37 -0.55 -20.67
N THR B 198 -28.22 -0.55 -21.69
CA THR B 198 -27.91 0.04 -22.98
C THR B 198 -28.70 1.33 -23.21
N THR B 199 -28.24 2.08 -24.20
CA THR B 199 -28.96 3.24 -24.70
C THR B 199 -30.20 2.76 -25.47
N PRO B 200 -31.12 3.68 -25.86
CA PRO B 200 -32.25 3.25 -26.70
C PRO B 200 -31.82 2.45 -27.91
N ALA B 201 -30.98 3.05 -28.77
CA ALA B 201 -30.31 2.37 -29.87
C ALA B 201 -31.24 1.39 -30.59
N LYS B 202 -32.28 1.96 -31.22
CA LYS B 202 -33.36 1.14 -31.75
C LYS B 202 -32.90 0.36 -32.97
N LEU B 203 -32.30 -0.81 -32.75
CA LEU B 203 -31.87 -1.70 -33.81
C LEU B 203 -32.76 -2.93 -33.91
N ARG B 204 -32.91 -3.67 -32.80
CA ARG B 204 -33.75 -4.85 -32.72
C ARG B 204 -33.39 -5.86 -33.82
N ASN B 205 -32.14 -6.31 -33.76
CA ASN B 205 -31.63 -7.22 -34.77
C ASN B 205 -32.17 -8.63 -34.53
N PRO B 206 -32.85 -9.25 -35.51
CA PRO B 206 -33.27 -10.65 -35.34
C PRO B 206 -32.09 -11.59 -35.49
N CYS B 207 -31.34 -11.76 -34.40
CA CYS B 207 -30.09 -12.51 -34.47
C CYS B 207 -30.32 -13.96 -34.88
N THR B 208 -31.21 -14.66 -34.17
CA THR B 208 -31.41 -16.08 -34.41
C THR B 208 -32.87 -16.43 -34.19
N SER B 209 -33.27 -17.57 -34.77
CA SER B 209 -34.62 -18.11 -34.55
C SER B 209 -34.68 -19.11 -33.41
N GLU B 210 -33.54 -19.53 -32.88
CA GLU B 210 -33.49 -20.47 -31.76
C GLU B 210 -33.44 -19.78 -30.41
N GLN B 211 -33.47 -18.44 -30.38
CA GLN B 211 -33.43 -17.67 -29.14
C GLN B 211 -32.20 -18.02 -28.30
N ASN B 212 -31.07 -18.22 -28.97
CA ASN B 212 -29.82 -18.55 -28.29
C ASN B 212 -29.01 -17.33 -27.91
N CYS B 213 -29.38 -16.14 -28.40
CA CYS B 213 -28.67 -14.91 -28.07
C CYS B 213 -29.01 -14.53 -26.64
N THR B 214 -28.29 -15.12 -25.70
CA THR B 214 -28.55 -14.92 -24.28
C THR B 214 -27.92 -13.60 -23.82
N SER B 215 -28.24 -13.21 -22.58
CA SER B 215 -27.78 -11.96 -22.03
C SER B 215 -26.26 -11.96 -21.90
N PRO B 216 -25.64 -10.77 -21.82
CA PRO B 216 -24.19 -10.70 -21.64
C PRO B 216 -23.73 -11.41 -20.39
N PHE B 217 -22.53 -12.00 -20.48
CA PHE B 217 -21.96 -12.81 -19.42
C PHE B 217 -20.55 -12.35 -19.11
N SER B 218 -20.13 -12.54 -17.85
CA SER B 218 -18.81 -12.10 -17.44
C SER B 218 -17.71 -12.87 -18.17
N TYR B 219 -17.83 -14.20 -18.24
CA TYR B 219 -16.86 -15.04 -18.90
C TYR B 219 -17.48 -16.41 -19.12
N LYS B 220 -17.07 -17.08 -20.20
CA LYS B 220 -17.52 -18.43 -20.47
C LYS B 220 -16.53 -19.08 -21.42
N ASN B 221 -16.12 -20.30 -21.09
CA ASN B 221 -15.28 -21.10 -21.98
C ASN B 221 -16.13 -22.22 -22.55
N VAL B 222 -16.05 -22.39 -23.87
CA VAL B 222 -16.86 -23.37 -24.59
C VAL B 222 -16.03 -24.56 -25.06
N LEU B 223 -14.83 -24.31 -25.57
CA LEU B 223 -13.94 -25.36 -26.03
C LEU B 223 -12.61 -25.24 -25.30
N SER B 224 -12.17 -26.33 -24.69
CA SER B 224 -10.90 -26.38 -24.00
C SER B 224 -9.78 -26.60 -25.02
N LEU B 225 -8.57 -26.86 -24.53
CA LEU B 225 -7.40 -27.02 -25.38
C LEU B 225 -7.41 -28.43 -25.96
N THR B 226 -7.70 -28.54 -27.25
CA THR B 226 -7.88 -29.83 -27.91
C THR B 226 -7.24 -29.82 -29.28
N ASP B 227 -6.60 -30.95 -29.64
CA ASP B 227 -5.95 -31.11 -30.93
C ASP B 227 -6.93 -31.22 -32.09
N ARG B 228 -8.12 -31.76 -31.87
CA ARG B 228 -9.07 -32.02 -32.95
C ARG B 228 -9.49 -30.72 -33.61
N GLY B 229 -9.08 -30.53 -34.87
CA GLY B 229 -9.39 -29.29 -35.56
C GLY B 229 -10.87 -29.12 -35.85
N GLU B 230 -11.57 -30.24 -36.12
CA GLU B 230 -12.99 -30.16 -36.42
C GLU B 230 -13.80 -29.62 -35.25
N PHE B 231 -13.26 -29.78 -34.03
CA PHE B 231 -13.99 -29.35 -32.84
C PHE B 231 -14.20 -27.84 -32.83
N PHE B 232 -13.21 -27.07 -33.27
CA PHE B 232 -13.38 -25.61 -33.40
C PHE B 232 -14.59 -25.27 -34.24
N ASN B 233 -14.63 -25.73 -35.48
CA ASN B 233 -15.77 -25.40 -36.33
C ASN B 233 -17.06 -25.86 -35.69
N GLU B 234 -17.10 -27.11 -35.24
CA GLU B 234 -18.34 -27.68 -34.74
C GLU B 234 -18.88 -26.92 -33.54
N LEU B 235 -18.01 -26.55 -32.60
CA LEU B 235 -18.46 -25.97 -31.34
C LEU B 235 -18.45 -24.45 -31.32
N VAL B 236 -17.85 -23.80 -32.32
CA VAL B 236 -17.89 -22.35 -32.40
C VAL B 236 -18.91 -21.85 -33.40
N GLY B 237 -19.34 -22.69 -34.36
CA GLY B 237 -20.51 -22.32 -35.14
C GLY B 237 -21.70 -21.95 -34.28
N GLN B 238 -21.89 -22.64 -33.17
CA GLN B 238 -22.89 -22.27 -32.18
C GLN B 238 -22.32 -21.33 -31.12
N GLN B 239 -21.80 -20.18 -31.56
CA GLN B 239 -21.43 -19.10 -30.68
C GLN B 239 -22.19 -17.85 -31.08
N ARG B 240 -22.95 -17.28 -30.16
CA ARG B 240 -23.80 -16.11 -30.36
C ARG B 240 -23.06 -14.82 -30.04
N ILE B 241 -23.82 -13.74 -29.98
CA ILE B 241 -23.28 -12.40 -29.74
C ILE B 241 -24.12 -11.70 -28.69
N SER B 242 -23.55 -10.64 -28.11
CA SER B 242 -24.26 -9.79 -27.15
C SER B 242 -24.62 -8.47 -27.82
N GLY B 243 -25.77 -7.90 -27.42
CA GLY B 243 -26.38 -6.83 -28.15
C GLY B 243 -26.05 -5.43 -27.66
N ASN B 244 -25.07 -4.81 -28.32
CA ASN B 244 -24.89 -3.35 -28.32
C ASN B 244 -24.89 -2.74 -26.92
N LEU B 245 -23.97 -3.20 -26.08
CA LEU B 245 -23.79 -2.52 -24.80
C LEU B 245 -22.98 -1.24 -25.00
N ASP B 246 -23.20 -0.27 -24.12
CA ASP B 246 -22.55 1.03 -24.20
C ASP B 246 -21.24 0.97 -23.43
N SER B 247 -20.13 1.11 -24.16
CA SER B 247 -18.76 1.03 -23.64
C SER B 247 -18.52 -0.21 -22.79
N PRO B 248 -18.73 -1.42 -23.33
CA PRO B 248 -18.39 -2.62 -22.55
C PRO B 248 -16.95 -3.03 -22.75
N GLU B 249 -16.15 -3.02 -21.68
CA GLU B 249 -14.73 -3.32 -21.76
C GLU B 249 -14.28 -4.19 -20.59
N GLY B 250 -15.12 -5.14 -20.19
CA GLY B 250 -14.83 -5.99 -19.05
C GLY B 250 -14.05 -7.25 -19.38
N GLY B 251 -12.74 -7.11 -19.63
CA GLY B 251 -11.98 -8.26 -20.10
C GLY B 251 -10.97 -8.79 -19.09
N PHE B 252 -10.45 -7.91 -18.24
CA PHE B 252 -9.34 -8.30 -17.37
C PHE B 252 -9.76 -9.36 -16.36
N ASP B 253 -11.02 -9.34 -15.93
CA ASP B 253 -11.51 -10.41 -15.06
C ASP B 253 -11.45 -11.76 -15.77
N ALA B 254 -11.82 -11.78 -17.05
CA ALA B 254 -11.73 -13.00 -17.84
C ALA B 254 -10.30 -13.46 -18.01
N ILE B 255 -9.37 -12.55 -18.32
CA ILE B 255 -8.00 -12.96 -18.59
C ILE B 255 -7.29 -13.25 -17.28
N MET B 256 -7.91 -12.87 -16.17
CA MET B 256 -7.53 -13.35 -14.86
C MET B 256 -7.95 -14.77 -14.58
N GLN B 257 -9.22 -15.09 -14.81
CA GLN B 257 -9.70 -16.43 -14.49
C GLN B 257 -9.08 -17.45 -15.43
N VAL B 258 -8.74 -17.04 -16.65
CA VAL B 258 -8.08 -17.96 -17.57
C VAL B 258 -6.70 -18.34 -17.05
N ALA B 259 -5.92 -17.35 -16.62
CA ALA B 259 -4.54 -17.63 -16.24
C ALA B 259 -4.46 -18.26 -14.85
N VAL B 260 -5.37 -17.90 -13.95
CA VAL B 260 -5.20 -18.29 -12.56
C VAL B 260 -5.39 -19.79 -12.37
N CYS B 261 -6.31 -20.41 -13.10
CA CYS B 261 -6.57 -21.83 -12.97
C CYS B 261 -6.59 -22.47 -14.34
N GLY B 262 -5.82 -23.53 -14.51
CA GLY B 262 -5.65 -24.13 -15.82
C GLY B 262 -5.99 -25.61 -15.86
N SER B 263 -6.20 -26.21 -14.69
CA SER B 263 -6.63 -27.61 -14.66
C SER B 263 -7.97 -27.77 -15.37
N LEU B 264 -8.92 -26.88 -15.08
CA LEU B 264 -10.22 -26.97 -15.73
C LEU B 264 -10.10 -26.67 -17.23
N ILE B 265 -9.28 -25.70 -17.59
CA ILE B 265 -9.08 -25.41 -19.01
C ILE B 265 -8.32 -26.55 -19.68
N GLY B 266 -7.37 -27.14 -18.96
CA GLY B 266 -6.48 -28.14 -19.53
C GLY B 266 -5.12 -27.61 -19.91
N TRP B 267 -4.56 -26.69 -19.14
CA TRP B 267 -3.46 -25.87 -19.62
C TRP B 267 -2.17 -26.68 -19.45
N ARG B 268 -1.51 -27.02 -20.55
CA ARG B 268 -0.37 -27.92 -20.44
C ARG B 268 0.93 -27.12 -20.40
N ASN B 269 1.92 -27.71 -19.74
CA ASN B 269 3.10 -26.99 -19.24
C ASN B 269 4.15 -26.83 -20.34
N VAL B 270 3.69 -26.39 -21.52
CA VAL B 270 4.57 -26.09 -22.64
C VAL B 270 4.47 -24.61 -22.95
N THR B 271 5.18 -24.18 -23.99
CA THR B 271 5.12 -22.77 -24.38
C THR B 271 3.70 -22.41 -24.79
N ARG B 272 3.09 -21.55 -24.00
CA ARG B 272 1.65 -21.35 -24.06
C ARG B 272 1.30 -19.94 -24.46
N LEU B 273 0.19 -19.80 -25.16
CA LEU B 273 -0.28 -18.54 -25.71
C LEU B 273 -1.73 -18.28 -25.32
N LEU B 274 -2.12 -17.02 -25.40
CA LEU B 274 -3.49 -16.59 -25.13
C LEU B 274 -3.79 -15.41 -26.05
N VAL B 275 -4.94 -15.44 -26.71
CA VAL B 275 -5.33 -14.39 -27.65
C VAL B 275 -6.43 -13.55 -27.02
N PHE B 276 -6.19 -12.24 -26.92
CA PHE B 276 -7.17 -11.30 -26.42
C PHE B 276 -7.68 -10.46 -27.59
N SER B 277 -8.90 -10.76 -28.05
CA SER B 277 -9.52 -10.03 -29.16
C SER B 277 -10.43 -8.96 -28.55
N THR B 278 -10.13 -7.70 -28.87
CA THR B 278 -10.65 -6.56 -28.11
C THR B 278 -11.23 -5.49 -29.03
N ASP B 279 -12.08 -4.64 -28.46
CA ASP B 279 -12.50 -3.38 -29.08
C ASP B 279 -12.59 -2.32 -28.00
N ALA B 280 -11.83 -1.23 -28.17
CA ALA B 280 -12.06 0.02 -27.46
C ALA B 280 -11.89 -0.10 -25.95
N GLY B 281 -10.70 -0.51 -25.52
CA GLY B 281 -10.23 -0.24 -24.18
C GLY B 281 -10.62 -1.34 -23.19
N PHE B 282 -10.38 -1.02 -21.92
CA PHE B 282 -10.51 -1.97 -20.83
C PHE B 282 -10.74 -1.21 -19.53
N HIS B 283 -10.96 -1.97 -18.46
CA HIS B 283 -11.10 -1.45 -17.11
C HIS B 283 -9.98 -1.98 -16.23
N PHE B 284 -9.85 -1.38 -15.04
CA PHE B 284 -8.86 -1.84 -14.07
C PHE B 284 -9.37 -1.54 -12.66
N ALA B 285 -8.76 -2.20 -11.68
CA ALA B 285 -9.27 -2.30 -10.32
C ALA B 285 -9.65 -0.96 -9.71
N GLY B 286 -10.75 -0.93 -8.98
CA GLY B 286 -11.29 0.31 -8.48
C GLY B 286 -12.42 0.87 -9.31
N ASP B 287 -12.89 0.16 -10.31
CA ASP B 287 -14.02 0.58 -11.13
C ASP B 287 -15.33 0.02 -10.59
N GLY B 288 -15.31 -1.14 -9.96
CA GLY B 288 -16.50 -1.72 -9.39
C GLY B 288 -17.03 -0.92 -8.23
N LYS B 289 -16.21 0.00 -7.71
CA LYS B 289 -16.65 0.86 -6.62
C LYS B 289 -17.78 1.77 -7.07
N LEU B 290 -17.83 2.11 -8.36
CA LEU B 290 -19.01 2.75 -8.91
C LEU B 290 -20.23 1.86 -8.75
N GLY B 291 -20.08 0.57 -9.03
CA GLY B 291 -21.14 -0.40 -8.92
C GLY B 291 -21.32 -1.00 -7.55
N GLY B 292 -20.71 -0.40 -6.53
CA GLY B 292 -20.83 -0.91 -5.19
C GLY B 292 -19.99 -2.12 -4.90
N ILE B 293 -18.84 -2.26 -5.55
CA ILE B 293 -17.98 -3.43 -5.38
C ILE B 293 -16.65 -2.94 -4.82
N VAL B 294 -16.25 -3.47 -3.67
CA VAL B 294 -15.11 -2.94 -2.95
C VAL B 294 -13.99 -3.95 -2.76
N LEU B 295 -14.29 -5.25 -2.65
CA LEU B 295 -13.25 -6.23 -2.39
C LEU B 295 -12.39 -6.45 -3.61
N PRO B 296 -11.08 -6.57 -3.42
CA PRO B 296 -10.19 -6.89 -4.54
C PRO B 296 -10.40 -8.34 -5.01
N ASN B 297 -9.75 -8.65 -6.12
CA ASN B 297 -9.85 -10.00 -6.67
C ASN B 297 -9.10 -10.99 -5.79
N ASP B 298 -9.71 -12.17 -5.59
CA ASP B 298 -9.09 -13.19 -4.75
C ASP B 298 -7.78 -13.67 -5.34
N GLY B 299 -7.76 -13.89 -6.65
CA GLY B 299 -6.72 -14.70 -7.24
C GLY B 299 -6.99 -16.19 -7.13
N GLN B 300 -8.26 -16.58 -6.98
CA GLN B 300 -8.66 -17.97 -6.85
C GLN B 300 -9.64 -18.29 -7.96
N CYS B 301 -9.46 -19.46 -8.57
CA CYS B 301 -10.36 -19.87 -9.64
C CYS B 301 -11.79 -19.98 -9.14
N HIS B 302 -12.71 -19.36 -9.88
CA HIS B 302 -14.15 -19.49 -9.62
C HIS B 302 -14.84 -19.82 -10.95
N LEU B 303 -14.87 -21.09 -11.29
CA LEU B 303 -15.47 -21.57 -12.53
C LEU B 303 -16.37 -22.76 -12.22
N GLU B 304 -17.65 -22.46 -11.96
CA GLU B 304 -18.65 -23.50 -11.77
C GLU B 304 -19.42 -23.65 -13.07
N ASN B 305 -19.34 -24.85 -13.65
CA ASN B 305 -19.96 -25.16 -14.95
C ASN B 305 -19.44 -24.16 -15.97
N ASN B 306 -18.14 -24.24 -16.23
CA ASN B 306 -17.47 -23.59 -17.37
C ASN B 306 -17.79 -22.11 -17.53
N VAL B 307 -18.39 -21.48 -16.53
CA VAL B 307 -18.78 -20.07 -16.61
C VAL B 307 -18.37 -19.37 -15.33
N TYR B 308 -17.85 -18.15 -15.46
CA TYR B 308 -17.52 -17.35 -14.28
C TYR B 308 -18.78 -17.09 -13.48
N THR B 309 -18.72 -17.34 -12.17
CA THR B 309 -19.85 -17.15 -11.29
C THR B 309 -19.61 -16.06 -10.25
N MET B 310 -18.50 -16.14 -9.52
CA MET B 310 -18.18 -15.16 -8.48
C MET B 310 -17.70 -13.87 -9.15
N SER B 311 -18.62 -13.24 -9.89
CA SER B 311 -18.30 -12.03 -10.64
C SER B 311 -18.73 -10.78 -9.89
N HIS B 312 -19.97 -10.75 -9.42
CA HIS B 312 -20.51 -9.55 -8.78
C HIS B 312 -19.88 -9.29 -7.42
N TYR B 313 -19.22 -10.28 -6.84
CA TYR B 313 -18.71 -10.12 -5.47
C TYR B 313 -17.36 -9.42 -5.48
N TYR B 314 -16.51 -9.73 -6.45
CA TYR B 314 -15.12 -9.29 -6.47
C TYR B 314 -14.92 -8.23 -7.55
N ASP B 315 -13.97 -7.32 -7.30
CA ASP B 315 -13.68 -6.26 -8.24
C ASP B 315 -12.74 -6.76 -9.33
N TYR B 316 -12.30 -5.84 -10.16
CA TYR B 316 -11.43 -6.16 -11.27
C TYR B 316 -10.00 -6.33 -10.77
N PRO B 317 -9.19 -7.11 -11.48
CA PRO B 317 -7.77 -7.14 -11.16
C PRO B 317 -7.13 -5.81 -11.48
N SER B 318 -6.22 -5.38 -10.62
CA SER B 318 -5.37 -4.27 -11.01
C SER B 318 -4.47 -4.73 -12.15
N ALA B 319 -3.95 -3.77 -12.90
CA ALA B 319 -3.11 -4.11 -14.04
C ALA B 319 -1.90 -4.92 -13.61
N ILE B 320 -1.63 -4.94 -12.31
CA ILE B 320 -0.36 -5.51 -11.85
C ILE B 320 -0.60 -6.80 -11.08
N HIS B 321 -1.71 -6.88 -10.35
CA HIS B 321 -2.15 -8.18 -9.86
C HIS B 321 -2.30 -9.15 -11.03
N LEU B 322 -2.62 -8.62 -12.20
CA LEU B 322 -2.58 -9.41 -13.43
C LEU B 322 -1.14 -9.80 -13.79
N VAL B 323 -0.20 -8.86 -13.66
CA VAL B 323 1.19 -9.13 -14.05
C VAL B 323 1.80 -10.24 -13.21
N GLN B 324 1.56 -10.23 -11.91
CA GLN B 324 2.15 -11.25 -11.05
C GLN B 324 1.61 -12.64 -11.39
N LYS B 325 0.30 -12.76 -11.57
CA LYS B 325 -0.28 -14.08 -11.82
C LYS B 325 -0.22 -14.47 -13.29
N LEU B 326 0.10 -13.52 -14.18
CA LEU B 326 0.45 -13.91 -15.54
C LEU B 326 1.88 -14.42 -15.63
N SER B 327 2.79 -13.83 -14.85
CA SER B 327 4.19 -14.26 -14.86
C SER B 327 4.39 -15.55 -14.08
N GLU B 328 3.61 -15.76 -13.02
CA GLU B 328 3.73 -16.98 -12.23
C GLU B 328 3.10 -18.18 -12.89
N ASN B 329 2.47 -18.00 -14.06
CA ASN B 329 1.95 -19.11 -14.83
C ASN B 329 2.57 -19.20 -16.22
N ASN B 330 3.59 -18.39 -16.53
CA ASN B 330 4.27 -18.39 -17.82
C ASN B 330 3.29 -18.14 -18.96
N ILE B 331 2.24 -17.37 -18.70
CA ILE B 331 1.23 -17.12 -19.69
C ILE B 331 1.72 -16.04 -20.65
N GLN B 332 1.65 -16.32 -21.94
CA GLN B 332 1.99 -15.33 -22.95
C GLN B 332 0.71 -14.84 -23.59
N THR B 333 0.38 -13.57 -23.35
CA THR B 333 -0.86 -12.99 -23.82
C THR B 333 -0.61 -12.24 -25.12
N ILE B 334 -1.47 -12.47 -26.11
CA ILE B 334 -1.38 -11.79 -27.39
C ILE B 334 -2.61 -10.89 -27.49
N PHE B 335 -2.43 -9.71 -28.09
CA PHE B 335 -3.45 -8.68 -28.07
C PHE B 335 -3.96 -8.43 -29.48
N ALA B 336 -5.26 -8.61 -29.67
CA ALA B 336 -5.92 -8.34 -30.95
C ALA B 336 -6.74 -7.07 -30.79
N VAL B 337 -6.11 -5.93 -31.05
CA VAL B 337 -6.73 -4.63 -30.86
C VAL B 337 -7.10 -4.06 -32.23
N THR B 338 -8.19 -3.30 -32.24
CA THR B 338 -8.65 -2.66 -33.47
C THR B 338 -8.06 -1.26 -33.54
N GLU B 339 -8.03 -0.68 -34.75
CA GLU B 339 -7.18 0.47 -35.05
C GLU B 339 -7.34 1.63 -34.05
N GLU B 340 -8.57 1.95 -33.64
CA GLU B 340 -8.77 3.18 -32.88
C GLU B 340 -7.98 3.16 -31.57
N PHE B 341 -8.12 2.09 -30.79
CA PHE B 341 -7.60 2.05 -29.44
C PHE B 341 -6.22 1.40 -29.34
N GLN B 342 -5.41 1.49 -30.39
CA GLN B 342 -4.06 0.92 -30.34
C GLN B 342 -3.16 1.52 -29.28
N PRO B 343 -3.05 2.84 -29.10
CA PRO B 343 -2.04 3.37 -28.17
C PRO B 343 -2.20 2.87 -26.73
N VAL B 344 -3.43 2.68 -26.26
CA VAL B 344 -3.62 2.28 -24.88
C VAL B 344 -3.03 0.89 -24.63
N TYR B 345 -3.35 -0.06 -25.50
CA TYR B 345 -2.75 -1.38 -25.37
C TYR B 345 -1.26 -1.35 -25.72
N LYS B 346 -0.82 -0.36 -26.50
CA LYS B 346 0.61 -0.24 -26.75
C LYS B 346 1.35 0.10 -25.47
N GLU B 347 0.79 0.98 -24.64
CA GLU B 347 1.41 1.24 -23.34
C GLU B 347 1.22 0.06 -22.39
N LEU B 348 0.09 -0.65 -22.51
CA LEU B 348 -0.03 -1.93 -21.82
C LEU B 348 1.14 -2.85 -22.13
N LYS B 349 1.60 -2.84 -23.39
CA LYS B 349 2.68 -3.74 -23.79
C LYS B 349 3.95 -3.46 -23.00
N ASN B 350 4.29 -2.18 -22.79
CA ASN B 350 5.43 -1.86 -21.95
C ASN B 350 5.15 -2.12 -20.47
N LEU B 351 3.90 -2.07 -20.04
CA LEU B 351 3.62 -2.42 -18.64
C LEU B 351 3.81 -3.90 -18.37
N ILE B 352 3.23 -4.76 -19.19
CA ILE B 352 3.22 -6.20 -18.94
C ILE B 352 4.41 -6.81 -19.69
N PRO B 353 5.39 -7.36 -18.98
CA PRO B 353 6.49 -8.02 -19.68
C PRO B 353 6.02 -9.29 -20.37
N LYS B 354 6.66 -9.59 -21.51
CA LYS B 354 6.34 -10.75 -22.32
C LYS B 354 4.87 -10.72 -22.74
N SER B 355 4.54 -9.72 -23.54
CA SER B 355 3.23 -9.60 -24.17
C SER B 355 3.41 -8.81 -25.46
N ALA B 356 2.51 -9.03 -26.41
CA ALA B 356 2.60 -8.40 -27.71
C ALA B 356 1.25 -7.83 -28.13
N VAL B 357 1.30 -6.72 -28.87
CA VAL B 357 0.11 -6.04 -29.36
C VAL B 357 0.17 -6.04 -30.88
N GLY B 358 -0.96 -6.30 -31.51
CA GLY B 358 -1.02 -6.43 -32.95
C GLY B 358 -2.19 -5.67 -33.54
N THR B 359 -1.93 -5.03 -34.67
CA THR B 359 -2.95 -4.28 -35.38
C THR B 359 -3.85 -5.25 -36.12
N LEU B 360 -5.09 -5.37 -35.67
CA LEU B 360 -6.03 -6.28 -36.31
C LEU B 360 -6.73 -5.59 -37.48
N SER B 361 -7.08 -6.37 -38.50
CA SER B 361 -7.82 -5.82 -39.62
C SER B 361 -9.23 -5.44 -39.20
N GLY B 362 -9.89 -4.65 -40.04
CA GLY B 362 -11.22 -4.20 -39.72
C GLY B 362 -12.22 -5.33 -39.62
N ASN B 363 -12.05 -6.36 -40.45
CA ASN B 363 -12.97 -7.48 -40.53
C ASN B 363 -12.45 -8.69 -39.76
N SER B 364 -11.31 -8.55 -39.08
CA SER B 364 -10.62 -9.65 -38.41
C SER B 364 -10.28 -10.79 -39.38
N SER B 365 -9.88 -10.45 -40.60
CA SER B 365 -9.49 -11.44 -41.58
C SER B 365 -8.00 -11.74 -41.59
N ASN B 366 -7.20 -10.97 -40.85
CA ASN B 366 -5.76 -11.16 -40.82
C ASN B 366 -5.27 -11.80 -39.53
N VAL B 367 -6.16 -12.37 -38.72
CA VAL B 367 -5.76 -12.90 -37.42
C VAL B 367 -4.79 -14.06 -37.56
N ILE B 368 -4.80 -14.77 -38.69
CA ILE B 368 -3.88 -15.90 -38.87
C ILE B 368 -2.45 -15.39 -39.00
N GLN B 369 -2.21 -14.51 -39.98
CA GLN B 369 -0.90 -13.91 -40.12
C GLN B 369 -0.54 -13.09 -38.90
N LEU B 370 -1.53 -12.47 -38.25
CA LEU B 370 -1.27 -11.74 -37.03
C LEU B 370 -0.70 -12.65 -35.96
N ILE B 371 -1.31 -13.83 -35.77
CA ILE B 371 -0.82 -14.76 -34.77
C ILE B 371 0.55 -15.30 -35.15
N ILE B 372 0.76 -15.56 -36.44
CA ILE B 372 2.07 -16.06 -36.89
C ILE B 372 3.16 -15.05 -36.55
N ASP B 373 2.96 -13.79 -36.96
CA ASP B 373 3.97 -12.78 -36.71
C ASP B 373 4.13 -12.49 -35.22
N ALA B 374 3.03 -12.58 -34.46
CA ALA B 374 3.11 -12.32 -33.03
C ALA B 374 3.90 -13.41 -32.31
N TYR B 375 3.67 -14.67 -32.69
CA TYR B 375 4.47 -15.76 -32.14
C TYR B 375 5.92 -15.60 -32.52
N ASN B 376 6.20 -15.20 -33.76
CA ASN B 376 7.58 -14.98 -34.17
C ASN B 376 8.23 -13.88 -33.36
N SER B 377 7.49 -12.80 -33.09
CA SER B 377 8.05 -11.68 -32.32
C SER B 377 8.28 -12.05 -30.87
N LEU B 378 7.37 -12.84 -30.28
CA LEU B 378 7.58 -13.26 -28.90
C LEU B 378 8.72 -14.25 -28.78
N SER B 379 8.86 -15.16 -29.75
CA SER B 379 9.82 -16.24 -29.62
C SER B 379 11.25 -15.75 -29.50
N SER B 380 11.62 -14.75 -30.29
CA SER B 380 13.00 -14.25 -30.24
C SER B 380 13.32 -13.63 -28.89
N GLU B 381 12.30 -13.26 -28.14
CA GLU B 381 12.50 -12.55 -26.88
C GLU B 381 12.46 -13.53 -25.71
N VAL B 382 13.54 -13.59 -24.95
CA VAL B 382 13.61 -14.35 -23.72
C VAL B 382 13.96 -13.37 -22.59
N ILE B 383 13.12 -13.35 -21.56
CA ILE B 383 13.30 -12.45 -20.43
C ILE B 383 13.42 -13.33 -19.20
N LEU B 384 14.32 -12.96 -18.29
CA LEU B 384 14.57 -13.75 -17.09
C LEU B 384 13.96 -13.06 -15.88
N GLU B 385 13.67 -13.85 -14.86
CA GLU B 385 13.09 -13.32 -13.63
C GLU B 385 13.42 -14.24 -12.47
N ASN B 386 13.67 -13.65 -11.32
CA ASN B 386 13.88 -14.37 -10.07
C ASN B 386 12.65 -14.23 -9.18
N SER B 387 12.70 -14.88 -8.02
CA SER B 387 11.54 -14.97 -7.15
C SER B 387 11.96 -14.85 -5.70
N LYS B 388 11.37 -13.89 -4.98
CA LYS B 388 11.46 -13.78 -3.53
C LYS B 388 12.90 -13.79 -3.03
N LEU B 389 13.66 -12.77 -3.39
CA LEU B 389 15.04 -12.69 -2.96
C LEU B 389 15.13 -12.49 -1.45
N PRO B 390 16.10 -13.13 -0.80
CA PRO B 390 16.42 -12.79 0.59
C PRO B 390 16.96 -11.38 0.70
N ASP B 391 16.91 -10.85 1.93
CA ASP B 391 17.15 -9.42 2.13
C ASP B 391 18.54 -9.01 1.70
N GLY B 392 19.57 -9.71 2.17
CA GLY B 392 20.93 -9.26 1.92
C GLY B 392 21.34 -9.38 0.46
N VAL B 393 20.95 -10.48 -0.19
CA VAL B 393 21.51 -10.82 -1.49
C VAL B 393 20.96 -9.90 -2.57
N THR B 394 21.82 -9.55 -3.53
CA THR B 394 21.44 -8.79 -4.71
C THR B 394 22.04 -9.45 -5.95
N ILE B 395 21.33 -9.33 -7.07
CA ILE B 395 21.69 -10.00 -8.31
C ILE B 395 21.86 -8.97 -9.41
N ASN B 396 22.98 -9.02 -10.12
CA ASN B 396 23.16 -8.26 -11.35
C ASN B 396 23.13 -9.21 -12.55
N TYR B 397 22.96 -8.63 -13.73
CA TYR B 397 22.66 -9.40 -14.93
C TYR B 397 23.55 -8.95 -16.08
N LYS B 398 24.17 -9.91 -16.75
CA LYS B 398 24.82 -9.68 -18.03
C LYS B 398 24.40 -10.78 -18.99
N SER B 399 24.36 -10.43 -20.28
CA SER B 399 23.81 -11.32 -21.29
C SER B 399 24.68 -11.27 -22.53
N TYR B 400 24.99 -12.44 -23.09
CA TYR B 400 25.76 -12.55 -24.33
C TYR B 400 24.83 -13.17 -25.38
N CYS B 401 24.21 -12.30 -26.17
CA CYS B 401 23.12 -12.70 -27.05
C CYS B 401 23.51 -12.56 -28.52
N LYS B 402 23.05 -13.52 -29.33
CA LYS B 402 23.17 -13.52 -30.79
C LYS B 402 24.62 -13.20 -31.17
N ASN B 403 24.87 -12.37 -32.16
CA ASN B 403 26.21 -11.89 -32.51
C ASN B 403 26.17 -10.37 -32.39
N GLY B 404 26.75 -9.85 -31.32
CA GLY B 404 26.57 -8.46 -30.96
C GLY B 404 25.60 -8.33 -29.80
N VAL B 405 25.00 -7.14 -29.71
CA VAL B 405 23.96 -6.81 -28.74
C VAL B 405 24.28 -7.41 -27.36
N ASN B 406 25.53 -7.30 -26.95
CA ASN B 406 26.02 -7.88 -25.71
C ASN B 406 25.75 -6.98 -24.51
N GLY B 407 25.01 -5.89 -24.71
CA GLY B 407 24.88 -4.83 -23.74
C GLY B 407 24.48 -5.24 -22.34
N THR B 408 25.19 -4.73 -21.35
CA THR B 408 24.86 -4.91 -19.95
C THR B 408 24.87 -3.64 -19.13
N GLY B 409 25.45 -2.54 -19.64
CA GLY B 409 25.36 -1.27 -18.93
C GLY B 409 23.92 -0.85 -18.74
N GLU B 410 23.11 -0.94 -19.79
CA GLU B 410 21.67 -1.01 -19.67
C GLU B 410 21.34 -2.44 -19.27
N ASN B 411 20.63 -2.60 -18.15
CA ASN B 411 20.49 -3.91 -17.55
C ASN B 411 19.93 -4.92 -18.54
N GLY B 412 20.61 -6.06 -18.65
CA GLY B 412 20.21 -7.07 -19.62
C GLY B 412 19.58 -8.29 -19.00
N ARG B 413 18.25 -8.36 -19.07
CA ARG B 413 17.51 -9.59 -18.78
C ARG B 413 16.86 -10.13 -20.04
N LYS B 414 17.09 -9.49 -21.19
CA LYS B 414 16.42 -9.82 -22.43
C LYS B 414 17.43 -10.01 -23.55
N CYS B 415 17.08 -10.86 -24.51
CA CYS B 415 17.70 -10.86 -25.82
C CYS B 415 16.63 -11.05 -26.87
N SER B 416 16.96 -10.69 -28.11
CA SER B 416 16.04 -10.87 -29.22
C SER B 416 16.86 -10.99 -30.51
N ASN B 417 16.17 -10.92 -31.63
CA ASN B 417 16.73 -11.02 -32.97
C ASN B 417 17.41 -12.37 -33.22
N ILE B 418 17.30 -13.30 -32.28
CA ILE B 418 17.87 -14.62 -32.45
C ILE B 418 17.11 -15.38 -33.54
N SER B 419 17.78 -16.33 -34.17
CA SER B 419 17.13 -17.24 -35.10
C SER B 419 16.67 -18.48 -34.33
N ILE B 420 16.10 -19.44 -35.05
CA ILE B 420 15.69 -20.69 -34.42
C ILE B 420 16.93 -21.53 -34.12
N GLY B 421 17.08 -21.94 -32.86
CA GLY B 421 18.18 -22.76 -32.46
C GLY B 421 19.46 -22.04 -32.09
N ASP B 422 19.42 -20.72 -31.97
CA ASP B 422 20.61 -19.95 -31.64
C ASP B 422 21.01 -20.16 -30.19
N GLU B 423 22.29 -19.91 -29.89
CA GLU B 423 22.85 -20.08 -28.57
C GLU B 423 22.91 -18.74 -27.85
N VAL B 424 22.51 -18.74 -26.57
CA VAL B 424 22.70 -17.58 -25.70
C VAL B 424 23.32 -18.07 -24.40
N GLN B 425 24.02 -17.18 -23.71
CA GLN B 425 24.68 -17.51 -22.45
C GLN B 425 24.61 -16.30 -21.53
N PHE B 426 23.58 -16.28 -20.68
CA PHE B 426 23.50 -15.30 -19.62
C PHE B 426 24.54 -15.61 -18.56
N GLU B 427 24.86 -14.59 -17.75
CA GLU B 427 25.72 -14.77 -16.59
C GLU B 427 24.98 -14.21 -15.39
N ILE B 428 25.14 -14.84 -14.23
CA ILE B 428 24.50 -14.39 -13.01
C ILE B 428 25.58 -14.27 -11.94
N SER B 429 25.67 -13.11 -11.33
CA SER B 429 26.51 -12.90 -10.16
C SER B 429 25.58 -12.65 -8.97
N ILE B 430 25.72 -13.46 -7.94
CA ILE B 430 24.93 -13.33 -6.73
C ILE B 430 25.87 -12.73 -5.68
N THR B 431 25.58 -11.52 -5.25
CA THR B 431 26.43 -10.82 -4.30
C THR B 431 25.74 -10.80 -2.94
N ALA B 432 26.38 -11.40 -1.95
CA ALA B 432 25.79 -11.45 -0.62
C ALA B 432 26.10 -10.17 0.14
N ASN B 433 25.42 -10.01 1.27
CA ASN B 433 25.57 -8.84 2.12
C ASN B 433 25.34 -9.28 3.56
N LYS B 434 25.06 -8.31 4.43
CA LYS B 434 24.79 -8.63 5.82
C LYS B 434 23.62 -9.59 5.89
N CYS B 435 23.89 -10.83 6.27
CA CYS B 435 22.94 -11.92 6.13
C CYS B 435 22.63 -12.55 7.48
N PRO B 436 21.42 -12.39 8.01
CA PRO B 436 21.04 -13.07 9.26
C PRO B 436 20.38 -14.43 9.08
N ASN B 437 20.12 -14.85 7.85
CA ASN B 437 19.45 -16.12 7.59
C ASN B 437 20.44 -17.26 7.74
N LYS B 438 20.78 -17.56 9.00
CA LYS B 438 21.65 -18.67 9.33
C LYS B 438 20.93 -20.02 9.28
N GLU B 439 19.71 -20.05 8.75
CA GLU B 439 18.95 -21.28 8.64
C GLU B 439 19.42 -22.09 7.44
N SER B 440 20.73 -22.34 7.37
CA SER B 440 21.37 -23.02 6.24
C SER B 440 21.07 -22.22 4.98
N GLU B 441 20.51 -22.83 3.94
CA GLU B 441 20.35 -22.22 2.63
C GLU B 441 18.96 -21.66 2.45
N ASN B 442 18.80 -20.89 1.38
CA ASN B 442 17.51 -20.44 0.89
C ASN B 442 17.37 -20.79 -0.58
N GLN B 443 16.20 -21.26 -0.96
CA GLN B 443 15.92 -21.67 -2.33
C GLN B 443 15.36 -20.49 -3.12
N LEU B 444 16.00 -20.16 -4.24
CA LEU B 444 15.47 -19.18 -5.17
C LEU B 444 15.57 -19.71 -6.59
N LYS B 445 14.58 -19.38 -7.41
CA LYS B 445 14.46 -19.91 -8.76
C LYS B 445 14.60 -18.78 -9.78
N LEU B 446 15.49 -18.98 -10.75
CA LEU B 446 15.63 -18.10 -11.91
C LEU B 446 14.98 -18.80 -13.10
N ASN B 447 13.96 -18.18 -13.68
CA ASN B 447 13.23 -18.78 -14.79
C ASN B 447 13.05 -17.78 -15.90
N PRO B 448 13.46 -18.09 -17.13
CA PRO B 448 13.00 -17.31 -18.28
C PRO B 448 11.49 -17.42 -18.42
N LEU B 449 10.81 -16.28 -18.50
CA LEU B 449 9.36 -16.28 -18.63
C LEU B 449 8.94 -17.03 -19.89
N GLY B 450 7.90 -17.85 -19.75
CA GLY B 450 7.40 -18.64 -20.85
C GLY B 450 7.88 -20.08 -20.89
N PHE B 451 8.93 -20.40 -20.15
CA PHE B 451 9.47 -21.76 -20.11
C PHE B 451 9.25 -22.34 -18.72
N THR B 452 8.78 -23.58 -18.68
CA THR B 452 8.53 -24.24 -17.40
C THR B 452 9.83 -24.46 -16.63
N GLU B 453 10.84 -25.01 -17.30
CA GLU B 453 12.07 -25.38 -16.63
C GLU B 453 12.79 -24.14 -16.13
N GLU B 454 13.28 -24.22 -14.89
CA GLU B 454 13.96 -23.10 -14.25
C GLU B 454 15.25 -23.58 -13.62
N VAL B 455 16.20 -22.67 -13.47
CA VAL B 455 17.39 -22.92 -12.69
C VAL B 455 17.08 -22.48 -11.26
N GLU B 456 17.16 -23.41 -10.33
CA GLU B 456 17.02 -23.13 -8.92
C GLU B 456 18.39 -23.24 -8.26
N VAL B 457 18.78 -22.18 -7.58
CA VAL B 457 20.11 -22.10 -6.99
C VAL B 457 19.96 -22.21 -5.47
N VAL B 458 20.25 -23.40 -4.94
CA VAL B 458 20.42 -23.54 -3.51
C VAL B 458 21.58 -22.66 -3.05
N LEU B 459 21.27 -21.70 -2.20
CA LEU B 459 22.17 -20.60 -1.87
C LEU B 459 22.42 -20.64 -0.37
N GLN B 460 23.55 -21.21 0.04
CA GLN B 460 23.87 -21.38 1.45
C GLN B 460 24.90 -20.33 1.86
N PHE B 461 24.65 -19.66 2.98
CA PHE B 461 25.60 -18.73 3.54
C PHE B 461 26.44 -19.44 4.61
N ILE B 462 27.59 -18.85 4.90
CA ILE B 462 28.48 -19.33 5.96
C ILE B 462 28.33 -18.40 7.15
N CYS B 463 27.74 -18.92 8.22
CA CYS B 463 27.52 -18.13 9.43
C CYS B 463 28.36 -18.69 10.58
N LYS B 464 29.22 -19.66 10.27
CA LYS B 464 30.06 -20.27 11.29
C LYS B 464 31.42 -20.67 10.72
N CYS B 465 32.47 -20.51 11.51
CA CYS B 465 33.77 -21.04 11.14
C CYS B 465 33.80 -22.55 11.38
N ASN B 466 34.71 -23.23 10.67
CA ASN B 466 34.83 -24.66 10.84
C ASN B 466 35.28 -25.03 12.24
N CYS B 467 36.11 -24.19 12.86
CA CYS B 467 36.57 -24.45 14.21
C CYS B 467 35.44 -24.39 15.23
N GLN B 468 34.34 -23.72 14.90
CA GLN B 468 33.19 -23.67 15.82
C GLN B 468 32.51 -25.02 15.95
N SER B 469 32.62 -25.89 14.94
CA SER B 469 32.02 -27.21 15.03
C SER B 469 32.63 -28.04 16.15
N HIS B 470 33.88 -27.77 16.53
CA HIS B 470 34.57 -28.51 17.56
C HIS B 470 34.59 -27.78 18.90
N GLY B 471 33.80 -26.72 19.04
CA GLY B 471 33.78 -25.98 20.29
C GLY B 471 33.23 -26.84 21.42
N ILE B 472 33.74 -26.60 22.62
CA ILE B 472 33.36 -27.37 23.80
C ILE B 472 32.40 -26.51 24.63
N PRO B 473 31.11 -26.83 24.67
CA PRO B 473 30.21 -26.09 25.55
C PRO B 473 30.57 -26.29 27.01
N ALA B 474 30.42 -25.22 27.79
CA ALA B 474 30.76 -25.21 29.21
C ALA B 474 32.19 -25.70 29.44
N SER B 475 33.11 -25.17 28.64
CA SER B 475 34.49 -25.63 28.68
C SER B 475 35.17 -25.17 29.97
N PRO B 476 36.08 -25.99 30.52
CA PRO B 476 36.75 -25.58 31.78
C PRO B 476 37.56 -24.31 31.66
N LYS B 477 38.13 -24.04 30.48
CA LYS B 477 38.88 -22.80 30.29
C LYS B 477 37.99 -21.57 30.43
N CYS B 478 36.68 -21.74 30.26
CA CYS B 478 35.73 -20.63 30.32
C CYS B 478 35.25 -20.38 31.75
N HIS B 479 36.23 -20.21 32.64
CA HIS B 479 35.96 -19.98 34.07
C HIS B 479 35.05 -21.06 34.63
N GLU B 480 35.43 -22.30 34.34
CA GLU B 480 34.69 -23.49 34.81
C GLU B 480 33.27 -23.51 34.26
N GLY B 481 33.16 -23.55 32.93
CA GLY B 481 31.89 -23.78 32.27
C GLY B 481 31.05 -22.53 32.02
N ASN B 482 31.59 -21.34 32.24
CA ASN B 482 30.83 -20.11 32.06
C ASN B 482 30.87 -19.60 30.62
N GLY B 483 31.17 -20.45 29.66
CA GLY B 483 31.17 -20.05 28.26
C GLY B 483 31.56 -21.21 27.38
N THR B 484 31.59 -20.94 26.07
CA THR B 484 31.94 -21.93 25.07
C THR B 484 33.29 -21.57 24.45
N PHE B 485 34.24 -22.49 24.52
CA PHE B 485 35.60 -22.29 24.03
C PHE B 485 35.66 -22.75 22.58
N GLU B 486 35.88 -21.80 21.66
CA GLU B 486 35.90 -22.13 20.24
C GLU B 486 36.83 -21.20 19.49
N CYS B 487 37.55 -21.77 18.53
CA CYS B 487 38.41 -21.02 17.61
C CYS B 487 39.47 -20.22 18.37
N GLY B 488 40.01 -20.81 19.43
CA GLY B 488 41.11 -20.22 20.14
C GLY B 488 40.79 -19.54 21.45
N ALA B 489 39.52 -19.27 21.75
CA ALA B 489 39.13 -18.75 23.04
C ALA B 489 37.63 -18.93 23.23
N CYS B 490 37.08 -18.19 24.19
CA CYS B 490 35.75 -18.45 24.69
C CYS B 490 34.75 -17.39 24.26
N ARG B 491 33.58 -17.85 23.83
CA ARG B 491 32.42 -17.00 23.63
C ARG B 491 31.61 -17.02 24.93
N CYS B 492 31.49 -15.87 25.56
CA CYS B 492 30.87 -15.80 26.88
C CYS B 492 29.36 -15.91 26.78
N ASN B 493 28.77 -16.54 27.80
CA ASN B 493 27.32 -16.62 27.90
C ASN B 493 26.74 -15.26 28.25
N GLU B 494 25.41 -15.18 28.23
CA GLU B 494 24.74 -13.93 28.57
C GLU B 494 25.02 -13.55 30.02
N GLY B 495 25.39 -12.30 30.23
CA GLY B 495 25.71 -11.80 31.55
C GLY B 495 27.13 -12.03 32.00
N ARG B 496 28.01 -12.54 31.14
CA ARG B 496 29.40 -12.78 31.49
C ARG B 496 30.31 -12.00 30.55
N VAL B 497 31.37 -11.41 31.09
CA VAL B 497 32.36 -10.67 30.32
C VAL B 497 33.75 -11.10 30.78
N GLY B 498 34.75 -10.64 30.05
CA GLY B 498 36.14 -10.96 30.31
C GLY B 498 36.73 -11.86 29.26
N ARG B 499 38.06 -12.00 29.32
CA ARG B 499 38.75 -12.86 28.37
C ARG B 499 38.33 -14.32 28.54
N HIS B 500 38.13 -14.76 29.77
CA HIS B 500 37.70 -16.13 30.05
C HIS B 500 36.32 -16.19 30.68
N CYS B 501 35.51 -15.14 30.49
CA CYS B 501 34.17 -15.06 31.06
C CYS B 501 34.20 -15.19 32.58
N GLU B 502 35.31 -14.80 33.18
CA GLU B 502 35.51 -14.92 34.62
C GLU B 502 34.53 -14.06 35.41
N CYS B 503 34.05 -12.96 34.83
CA CYS B 503 33.25 -11.97 35.53
C CYS B 503 31.79 -12.07 35.09
N SER B 504 30.91 -11.77 36.03
CA SER B 504 29.47 -11.75 35.76
C SER B 504 29.03 -10.35 35.35
C1 NAG C . -31.65 -6.00 6.46
C2 NAG C . -32.06 -7.21 5.62
C3 NAG C . -30.99 -8.30 5.68
C4 NAG C . -29.63 -7.72 5.32
C5 NAG C . -29.32 -6.50 6.18
C6 NAG C . -28.03 -5.82 5.83
C7 NAG C . -34.50 -7.45 5.45
C8 NAG C . -35.73 -8.08 6.05
N2 NAG C . -33.35 -7.73 6.06
O3 NAG C . -31.34 -9.33 4.76
O4 NAG C . -28.63 -8.70 5.51
O5 NAG C . -30.38 -5.53 6.02
O6 NAG C . -26.92 -6.54 6.34
O7 NAG C . -34.56 -6.71 4.47
C1 NAG D . -30.99 19.53 17.52
C2 NAG D . -31.54 19.96 18.87
C3 NAG D . -30.83 19.21 20.00
C4 NAG D . -29.87 18.14 19.48
C5 NAG D . -30.40 17.35 18.27
C6 NAG D . -31.29 16.19 18.69
C7 NAG D . -32.08 22.07 20.00
C8 NAG D . -31.83 23.54 20.05
N2 NAG D . -31.42 21.40 19.05
O3 NAG D . -31.79 18.62 20.86
O4 NAG D . -28.59 18.70 19.16
O5 NAG D . -31.18 18.15 17.37
O6 NAG D . -31.03 15.80 20.03
O7 NAG D . -32.83 21.51 20.79
C1 NAG E . -1.16 12.74 -21.49
C2 NAG E . -0.55 14.02 -22.03
C3 NAG E . 0.89 13.75 -22.50
C4 NAG E . 1.69 13.09 -21.38
C5 NAG E . 0.96 11.86 -20.84
C6 NAG E . 1.64 11.26 -19.63
C7 NAG E . -1.76 15.82 -23.17
C8 NAG E . -2.57 16.20 -24.37
N2 NAG E . -1.34 14.56 -23.12
O3 NAG E . 1.52 14.98 -22.87
O4 NAG E . 2.98 12.70 -21.86
O5 NAG E . -0.36 12.23 -20.43
O6 NAG E . 1.71 9.84 -19.73
O7 NAG E . -1.49 16.63 -22.29
C1 NAG F . -12.03 33.45 -11.00
C2 NAG F . -12.31 34.29 -12.29
C3 NAG F . -13.82 34.47 -12.51
C4 NAG F . -14.53 35.08 -11.31
C5 NAG F . -13.66 34.94 -10.07
C6 NAG F . -14.40 35.11 -8.76
C7 NAG F . -11.04 36.14 -13.30
C8 NAG F . -11.06 35.34 -14.57
N2 NAG F . -11.65 35.59 -12.24
O3 NAG F . -14.40 33.21 -12.83
O4 NAG F . -14.79 36.47 -11.54
O5 NAG F . -13.10 33.62 -10.07
O6 NAG F . -13.49 35.38 -7.71
O7 NAG F . -10.51 37.24 -13.24
C1 NAG G . -5.97 20.64 -18.38
C2 NAG G . -7.29 20.27 -19.11
C3 NAG G . -7.54 21.17 -20.33
C4 NAG G . -7.42 22.65 -19.95
C5 NAG G . -6.04 22.88 -19.38
C6 NAG G . -5.82 24.32 -18.96
C7 NAG G . -8.30 18.24 -20.06
C8 NAG G . -8.06 16.81 -20.47
N2 NAG G . -7.25 18.88 -19.53
O3 NAG G . -8.84 20.95 -20.85
O4 NAG G . -7.61 23.47 -21.09
O5 NAG G . -5.90 22.09 -18.21
O6 NAG G . -4.75 24.43 -18.05
O7 NAG G . -9.39 18.78 -20.22
C1 NAG H . 4.74 -28.91 -15.82
C2 NAG H . 4.19 -30.07 -15.01
C3 NAG H . 3.64 -29.55 -13.69
C4 NAG H . 4.72 -28.77 -12.95
C5 NAG H . 5.31 -27.68 -13.85
C6 NAG H . 6.47 -26.96 -13.23
C7 NAG H . 3.41 -31.90 -16.44
C8 NAG H . 2.24 -32.52 -17.14
N2 NAG H . 3.16 -30.78 -15.75
O3 NAG H . 3.22 -30.66 -12.90
O4 NAG H . 4.18 -28.17 -11.78
O5 NAG H . 5.77 -28.25 -15.09
O6 NAG H . 6.21 -25.57 -13.09
O7 NAG H . 4.53 -32.39 -16.49
C1 NAG I . -16.00 -5.49 -42.73
C2 NAG I . -17.02 -6.09 -43.71
C3 NAG I . -17.80 -4.96 -44.40
C4 NAG I . -18.40 -4.01 -43.37
C5 NAG I . -17.34 -3.53 -42.39
C6 NAG I . -17.89 -2.69 -41.26
C7 NAG I . -16.39 -8.26 -44.69
C8 NAG I . -15.68 -8.95 -45.81
N2 NAG I . -16.36 -6.92 -44.71
O3 NAG I . -18.83 -5.53 -45.21
O4 NAG I . -18.98 -2.89 -44.04
O5 NAG I . -16.68 -4.65 -41.79
O6 NAG I . -17.02 -1.62 -40.92
O7 NAG I . -16.95 -8.89 -43.79
C1 NAG J . 31.82 -9.81 -27.24
C2 NAG J . 30.88 -8.62 -27.04
C3 NAG J . 31.34 -7.78 -25.87
C4 NAG J . 31.51 -8.64 -24.63
C5 NAG J . 32.41 -9.83 -24.93
C6 NAG J . 32.51 -10.81 -23.78
C7 NAG J . 29.93 -8.07 -29.24
C8 NAG J . 29.98 -7.14 -30.41
N2 NAG J . 30.79 -7.82 -28.25
O1 NAG J . 31.35 -10.60 -28.28
O4 NAG J . 32.10 -7.87 -23.57
O5 NAG J . 31.89 -10.57 -26.04
O6 NAG J . 33.58 -11.72 -23.96
O7 NAG J . 29.15 -9.02 -29.19
#